data_3A8E
#
_entry.id   3A8E
#
_cell.length_a   132.877
_cell.length_b   132.877
_cell.length_c   216.667
_cell.angle_alpha   90.00
_cell.angle_beta   90.00
_cell.angle_gamma   90.00
#
_symmetry.space_group_name_H-M   'I 41 2 2'
#
loop_
_entity.id
_entity.type
_entity.pdbx_description
1 polymer 'Cellulose synthase operon protein D'
2 branched beta-D-glucopyranose-(1-4)-beta-D-glucopyranose-(1-4)-beta-D-glucopyranose-(1-4)-beta-D-glucopyranose-(1-4)-beta-D-glucopyranose
3 water water
#
_entity_poly.entity_id   1
_entity_poly.type   'polypeptide(L)'
_entity_poly.pdbx_seq_one_letter_code
;MTIFEKKPDFTLFLQTLSWEIDDQVGIEVRNELLREVGRGMGTRIMPPPCQTVDKLQIELNALLALIGWGTVTLELLSED
QSLRIVHENLPQVGSAGEPSGTWLAPVLEGLYGRWVTSQAGAFGDYVVTRDVDAEDLNAVPRQTIIMYMRVRSSATHHHH
HH
;
_entity_poly.pdbx_strand_id   A,B,C,D
#
loop_
_chem_comp.id
_chem_comp.type
_chem_comp.name
_chem_comp.formula
BGC D-saccharide, beta linking beta-D-glucopyranose 'C6 H12 O6'
#
# COMPACT_ATOMS: atom_id res chain seq x y z
N PHE A 4 1.89 -18.05 12.86
CA PHE A 4 1.93 -16.56 12.93
C PHE A 4 2.66 -15.93 11.74
N GLU A 5 2.09 -16.02 10.54
CA GLU A 5 2.67 -15.30 9.39
C GLU A 5 1.61 -14.89 8.37
N LYS A 6 2.04 -14.17 7.32
CA LYS A 6 1.09 -13.52 6.40
C LYS A 6 1.60 -13.32 4.97
N LYS A 7 0.67 -13.12 4.04
CA LYS A 7 0.96 -13.10 2.60
C LYS A 7 0.10 -12.10 1.75
N PRO A 8 0.04 -12.28 0.40
CA PRO A 8 -0.28 -11.26 -0.62
C PRO A 8 -1.69 -10.71 -0.69
N ASP A 9 -1.80 -9.55 -1.34
CA ASP A 9 -3.01 -8.75 -1.40
C ASP A 9 -3.40 -8.46 -2.85
N PHE A 10 -4.68 -8.65 -3.16
CA PHE A 10 -5.17 -8.55 -4.54
C PHE A 10 -6.14 -7.40 -4.83
N THR A 11 -6.33 -6.49 -3.88
CA THR A 11 -7.31 -5.42 -4.09
C THR A 11 -6.89 -4.47 -5.21
N LEU A 12 -5.70 -3.86 -5.07
CA LEU A 12 -5.20 -2.95 -6.10
C LEU A 12 -5.30 -3.60 -7.49
N PHE A 13 -4.84 -4.85 -7.60
CA PHE A 13 -5.04 -5.62 -8.82
C PHE A 13 -6.51 -5.55 -9.28
N LEU A 14 -7.43 -6.01 -8.43
CA LEU A 14 -8.84 -6.05 -8.77
C LEU A 14 -9.45 -4.67 -9.01
N GLN A 15 -8.84 -3.63 -8.43
CA GLN A 15 -9.22 -2.26 -8.74
C GLN A 15 -8.88 -1.95 -10.18
N THR A 16 -7.69 -2.35 -10.60
CA THR A 16 -7.26 -2.13 -11.99
C THR A 16 -7.97 -3.06 -12.97
N LEU A 17 -8.24 -4.28 -12.54
CA LEU A 17 -8.90 -5.25 -13.40
C LEU A 17 -10.32 -4.82 -13.77
N SER A 18 -11.15 -4.54 -12.77
CA SER A 18 -12.50 -4.05 -13.00
C SER A 18 -12.44 -2.88 -13.96
N TRP A 19 -11.55 -1.93 -13.65
CA TRP A 19 -11.36 -0.75 -14.46
C TRP A 19 -11.01 -1.09 -15.89
N GLU A 20 -10.07 -2.03 -16.06
CA GLU A 20 -9.69 -2.47 -17.39
C GLU A 20 -10.88 -3.13 -18.06
N ILE A 21 -11.50 -4.08 -17.36
CA ILE A 21 -12.59 -4.86 -17.94
C ILE A 21 -13.76 -3.98 -18.37
N ASP A 22 -14.23 -3.13 -17.47
CA ASP A 22 -15.37 -2.23 -17.76
C ASP A 22 -15.07 -1.34 -18.97
N ASP A 23 -13.81 -0.96 -19.11
CA ASP A 23 -13.41 -0.09 -20.20
C ASP A 23 -13.46 -0.79 -21.55
N GLN A 24 -13.18 -2.10 -21.58
CA GLN A 24 -13.08 -2.81 -22.85
C GLN A 24 -14.34 -3.57 -23.26
N VAL A 25 -15.03 -4.16 -22.28
CA VAL A 25 -16.27 -4.89 -22.54
C VAL A 25 -17.40 -4.12 -21.89
N GLY A 26 -18.64 -4.39 -22.28
CA GLY A 26 -19.78 -3.68 -21.71
C GLY A 26 -19.98 -3.85 -20.21
N ILE A 27 -21.03 -3.23 -19.70
CA ILE A 27 -21.51 -3.44 -18.34
C ILE A 27 -22.22 -4.78 -18.32
N GLU A 28 -22.95 -5.06 -19.40
CA GLU A 28 -23.77 -6.25 -19.53
C GLU A 28 -22.99 -7.56 -19.61
N VAL A 29 -21.91 -7.57 -20.40
CA VAL A 29 -21.13 -8.80 -20.58
C VAL A 29 -20.13 -8.99 -19.43
N ARG A 30 -19.76 -7.89 -18.77
CA ARG A 30 -18.96 -7.96 -17.55
C ARG A 30 -19.74 -8.68 -16.48
N ASN A 31 -21.05 -8.41 -16.41
CA ASN A 31 -21.88 -9.03 -15.41
C ASN A 31 -22.11 -10.53 -15.63
N GLU A 32 -22.21 -10.98 -16.89
CA GLU A 32 -22.35 -12.43 -17.13
C GLU A 32 -21.05 -13.12 -16.72
N LEU A 33 -19.93 -12.59 -17.20
CA LEU A 33 -18.62 -13.10 -16.82
C LEU A 33 -18.61 -13.37 -15.31
N LEU A 34 -18.94 -12.34 -14.52
CA LEU A 34 -18.85 -12.43 -13.07
C LEU A 34 -19.85 -13.44 -12.47
N ARG A 35 -21.01 -13.57 -13.11
CA ARG A 35 -22.00 -14.57 -12.71
C ARG A 35 -21.47 -15.98 -12.95
N GLU A 36 -20.86 -16.19 -14.12
CA GLU A 36 -20.21 -17.46 -14.43
C GLU A 36 -19.12 -17.81 -13.43
N VAL A 37 -18.31 -16.80 -13.09
CA VAL A 37 -17.25 -16.96 -12.11
C VAL A 37 -17.87 -17.31 -10.75
N GLY A 38 -18.88 -16.53 -10.35
CA GLY A 38 -19.64 -16.80 -9.13
C GLY A 38 -20.18 -18.21 -9.04
N ARG A 39 -20.79 -18.67 -10.13
CA ARG A 39 -21.26 -20.05 -10.28
C ARG A 39 -20.13 -21.06 -10.05
N GLY A 40 -18.95 -20.76 -10.61
CA GLY A 40 -17.78 -21.64 -10.54
C GLY A 40 -17.13 -21.74 -9.18
N MET A 41 -17.11 -20.61 -8.46
CA MET A 41 -16.72 -20.57 -7.07
C MET A 41 -17.59 -21.54 -6.27
N GLY A 42 -18.90 -21.46 -6.52
CA GLY A 42 -19.88 -22.35 -5.90
C GLY A 42 -19.61 -23.82 -6.07
N THR A 43 -18.98 -24.21 -7.19
CA THR A 43 -18.61 -25.61 -7.37
C THR A 43 -17.44 -25.98 -6.45
N ARG A 44 -16.42 -25.11 -6.40
CA ARG A 44 -15.23 -25.33 -5.57
C ARG A 44 -15.53 -25.43 -4.07
N ILE A 45 -16.35 -24.51 -3.55
CA ILE A 45 -16.78 -24.61 -2.15
C ILE A 45 -18.30 -24.67 -2.04
N MET A 46 -18.78 -25.64 -1.26
CA MET A 46 -20.21 -25.91 -1.14
C MET A 46 -20.66 -26.52 0.19
N PRO A 47 -21.89 -26.15 0.63
CA PRO A 47 -22.49 -26.57 1.89
C PRO A 47 -23.01 -28.00 1.83
N PRO A 48 -23.38 -28.58 2.99
CA PRO A 48 -23.98 -29.91 2.90
C PRO A 48 -25.49 -29.81 2.56
N PRO A 49 -26.15 -30.96 2.28
CA PRO A 49 -27.60 -31.00 2.03
C PRO A 49 -28.41 -30.47 3.21
N CYS A 50 -29.00 -29.29 3.07
CA CYS A 50 -29.66 -28.64 4.21
C CYS A 50 -31.14 -28.92 4.35
N GLN A 51 -31.50 -29.38 5.55
CA GLN A 51 -32.89 -29.70 5.91
C GLN A 51 -33.80 -28.47 5.88
N THR A 52 -33.38 -27.42 6.58
CA THR A 52 -34.18 -26.21 6.72
C THR A 52 -33.40 -24.96 6.28
N VAL A 53 -34.13 -23.90 5.93
CA VAL A 53 -33.54 -22.66 5.42
C VAL A 53 -32.63 -22.01 6.45
N ASP A 54 -33.07 -22.04 7.70
CA ASP A 54 -32.26 -21.63 8.85
C ASP A 54 -30.88 -22.30 8.79
N LYS A 55 -30.89 -23.63 8.70
CA LYS A 55 -29.67 -24.42 8.63
C LYS A 55 -28.82 -24.06 7.43
N LEU A 56 -29.47 -23.83 6.29
CA LEU A 56 -28.77 -23.43 5.09
C LEU A 56 -27.99 -22.13 5.35
N GLN A 57 -28.61 -21.21 6.08
CA GLN A 57 -27.97 -19.92 6.34
C GLN A 57 -26.64 -20.08 7.07
N ILE A 58 -26.70 -20.69 8.25
CA ILE A 58 -25.49 -21.00 9.03
C ILE A 58 -24.41 -21.59 8.10
N GLU A 59 -24.81 -22.59 7.33
CA GLU A 59 -23.90 -23.24 6.39
C GLU A 59 -23.30 -22.27 5.37
N LEU A 60 -24.13 -21.42 4.77
CA LEU A 60 -23.60 -20.50 3.77
C LEU A 60 -22.64 -19.51 4.41
N ASN A 61 -22.98 -19.02 5.59
CA ASN A 61 -22.12 -18.10 6.34
C ASN A 61 -20.76 -18.71 6.66
N ALA A 62 -20.79 -19.99 7.01
CA ALA A 62 -19.59 -20.75 7.24
C ALA A 62 -18.66 -20.58 6.05
N LEU A 63 -19.18 -20.94 4.87
CA LEU A 63 -18.45 -20.78 3.62
C LEU A 63 -18.01 -19.32 3.46
N LEU A 64 -18.93 -18.38 3.64
CA LEU A 64 -18.59 -16.97 3.47
C LEU A 64 -17.45 -16.52 4.36
N ALA A 65 -17.51 -16.93 5.64
CA ALA A 65 -16.47 -16.61 6.61
C ALA A 65 -15.10 -17.12 6.15
N LEU A 66 -15.11 -18.29 5.51
CA LEU A 66 -13.91 -19.00 5.13
C LEU A 66 -13.05 -18.21 4.13
N ILE A 67 -13.69 -17.46 3.23
CA ILE A 67 -12.98 -16.53 2.33
C ILE A 67 -13.22 -15.06 2.72
N GLY A 68 -13.95 -14.86 3.81
CA GLY A 68 -14.19 -13.52 4.36
C GLY A 68 -14.94 -12.58 3.45
N TRP A 69 -15.90 -13.11 2.71
CA TRP A 69 -16.69 -12.29 1.80
C TRP A 69 -17.98 -11.77 2.44
N GLY A 70 -17.99 -11.61 3.77
CA GLY A 70 -19.11 -11.02 4.47
C GLY A 70 -20.13 -12.02 4.98
N THR A 71 -21.34 -11.54 5.29
CA THR A 71 -22.39 -12.38 5.89
C THR A 71 -23.69 -12.31 5.11
N VAL A 72 -24.55 -13.31 5.31
CA VAL A 72 -25.83 -13.41 4.58
C VAL A 72 -27.03 -13.74 5.46
N THR A 73 -28.19 -13.24 5.05
CA THR A 73 -29.48 -13.59 5.67
C THR A 73 -30.37 -14.23 4.61
N LEU A 74 -31.02 -15.34 4.96
CA LEU A 74 -32.04 -15.93 4.09
C LEU A 74 -33.43 -15.79 4.69
N GLU A 75 -34.30 -15.13 3.95
CA GLU A 75 -35.70 -14.93 4.35
C GLU A 75 -36.59 -15.68 3.37
N LEU A 76 -37.24 -16.75 3.84
CA LEU A 76 -38.18 -17.50 3.00
C LEU A 76 -39.52 -16.77 3.00
N LEU A 77 -39.94 -16.36 1.80
CA LEU A 77 -41.12 -15.52 1.65
C LEU A 77 -42.41 -16.30 1.49
N SER A 78 -43.38 -15.93 2.33
CA SER A 78 -44.65 -16.62 2.43
C SER A 78 -45.60 -16.29 1.29
N GLU A 79 -45.71 -15.01 0.94
CA GLU A 79 -46.79 -14.54 0.05
C GLU A 79 -46.85 -15.28 -1.29
N ASP A 80 -45.73 -15.27 -2.00
CA ASP A 80 -45.53 -16.13 -3.16
C ASP A 80 -44.25 -16.87 -2.82
N GLN A 81 -43.96 -17.97 -3.50
CA GLN A 81 -42.78 -18.76 -3.13
C GLN A 81 -41.43 -18.14 -3.51
N SER A 82 -41.05 -17.10 -2.77
CA SER A 82 -39.77 -16.43 -2.96
C SER A 82 -38.79 -16.75 -1.85
N LEU A 83 -37.56 -16.26 -2.02
CA LEU A 83 -36.49 -16.49 -1.08
C LEU A 83 -35.61 -15.25 -1.16
N ARG A 84 -35.70 -14.41 -0.14
CA ARG A 84 -34.97 -13.15 -0.10
C ARG A 84 -33.58 -13.35 0.47
N ILE A 85 -32.58 -12.92 -0.29
CA ILE A 85 -31.18 -13.03 0.10
C ILE A 85 -30.64 -11.63 0.35
N VAL A 86 -30.20 -11.38 1.57
CA VAL A 86 -29.54 -10.12 1.90
C VAL A 86 -28.08 -10.37 2.30
N HIS A 87 -27.18 -9.91 1.45
CA HIS A 87 -25.75 -10.09 1.67
C HIS A 87 -25.15 -8.79 2.16
N GLU A 88 -24.52 -8.83 3.33
CA GLU A 88 -23.85 -7.65 3.87
C GLU A 88 -22.35 -7.77 3.61
N ASN A 89 -21.69 -6.61 3.53
CA ASN A 89 -20.22 -6.53 3.37
C ASN A 89 -19.65 -7.28 2.17
N LEU A 90 -20.16 -6.98 0.99
CA LEU A 90 -19.53 -7.45 -0.23
C LEU A 90 -18.16 -6.80 -0.29
N PRO A 91 -17.11 -7.61 -0.51
CA PRO A 91 -15.81 -6.99 -0.75
C PRO A 91 -15.93 -5.86 -1.78
N GLN A 92 -15.31 -4.72 -1.46
CA GLN A 92 -15.33 -3.58 -2.36
C GLN A 92 -13.98 -3.49 -3.05
N VAL A 93 -14.01 -3.23 -4.35
CA VAL A 93 -12.80 -3.38 -5.15
C VAL A 93 -12.60 -2.16 -6.06
N GLY A 94 -12.60 -0.99 -5.44
CA GLY A 94 -12.55 0.27 -6.17
C GLY A 94 -13.95 0.79 -6.43
N SER A 95 -14.05 1.83 -7.26
CA SER A 95 -15.34 2.50 -7.53
C SER A 95 -16.13 1.94 -8.73
N ALA A 96 -15.69 0.81 -9.28
CA ALA A 96 -16.37 0.20 -10.41
C ALA A 96 -17.69 -0.44 -9.99
N GLY A 97 -18.60 -0.59 -10.96
CA GLY A 97 -19.92 -1.19 -10.72
C GLY A 97 -21.01 -0.15 -10.49
N GLU A 98 -22.23 -0.63 -10.33
CA GLU A 98 -23.36 0.27 -10.07
C GLU A 98 -24.31 -0.28 -9.01
N PRO A 99 -24.41 0.44 -7.86
CA PRO A 99 -23.66 1.67 -7.59
C PRO A 99 -22.16 1.40 -7.46
N SER A 100 -21.36 2.47 -7.48
CA SER A 100 -19.90 2.36 -7.37
C SER A 100 -19.47 1.47 -6.20
N GLY A 101 -18.47 0.64 -6.44
CA GLY A 101 -17.87 -0.21 -5.39
C GLY A 101 -18.58 -1.53 -5.18
N THR A 102 -19.27 -1.99 -6.21
CA THR A 102 -20.21 -3.09 -6.08
C THR A 102 -20.03 -4.01 -7.30
N TRP A 103 -18.87 -3.84 -7.97
CA TRP A 103 -18.45 -4.59 -9.16
C TRP A 103 -18.61 -6.08 -8.91
N LEU A 104 -18.10 -6.53 -7.77
CA LEU A 104 -18.16 -7.95 -7.39
C LEU A 104 -19.56 -8.56 -7.20
N ALA A 105 -20.60 -7.73 -7.24
CA ALA A 105 -21.98 -8.18 -6.91
C ALA A 105 -22.55 -9.35 -7.73
N PRO A 106 -22.45 -9.30 -9.08
CA PRO A 106 -22.92 -10.45 -9.86
C PRO A 106 -22.27 -11.77 -9.45
N VAL A 107 -21.05 -11.71 -8.91
CA VAL A 107 -20.42 -12.94 -8.43
C VAL A 107 -21.39 -13.64 -7.48
N LEU A 108 -22.04 -12.88 -6.60
CA LEU A 108 -23.02 -13.42 -5.66
C LEU A 108 -24.26 -14.00 -6.34
N GLU A 109 -24.74 -13.36 -7.40
CA GLU A 109 -25.84 -13.93 -8.19
C GLU A 109 -25.45 -15.35 -8.62
N GLY A 110 -24.32 -15.47 -9.32
CA GLY A 110 -23.74 -16.77 -9.66
C GLY A 110 -23.52 -17.65 -8.44
N LEU A 111 -22.84 -17.11 -7.43
CA LEU A 111 -22.52 -17.86 -6.23
C LEU A 111 -23.77 -18.41 -5.52
N TYR A 112 -24.70 -17.53 -5.16
CA TYR A 112 -25.92 -17.94 -4.47
C TYR A 112 -26.79 -18.80 -5.35
N GLY A 113 -26.87 -18.44 -6.63
CA GLY A 113 -27.58 -19.25 -7.62
C GLY A 113 -27.17 -20.70 -7.57
N ARG A 114 -25.89 -20.94 -7.30
CA ARG A 114 -25.32 -22.27 -7.29
C ARG A 114 -25.58 -23.03 -5.99
N TRP A 115 -25.13 -22.45 -4.88
CA TRP A 115 -25.29 -23.05 -3.55
C TRP A 115 -26.72 -23.47 -3.29
N VAL A 116 -27.65 -22.57 -3.59
CA VAL A 116 -29.07 -22.78 -3.29
C VAL A 116 -29.69 -23.89 -4.14
N THR A 117 -29.34 -23.95 -5.43
CA THR A 117 -29.90 -24.97 -6.32
C THR A 117 -29.25 -26.35 -6.15
N SER A 118 -28.09 -26.39 -5.49
CA SER A 118 -27.46 -27.66 -5.11
C SER A 118 -28.26 -28.33 -4.00
N GLN A 119 -29.22 -27.59 -3.44
CA GLN A 119 -30.05 -28.07 -2.34
C GLN A 119 -31.12 -29.01 -2.82
N ALA A 120 -31.14 -30.18 -2.18
CA ALA A 120 -32.01 -31.29 -2.57
C ALA A 120 -33.47 -30.87 -2.78
N GLY A 121 -33.92 -31.01 -4.03
CA GLY A 121 -35.35 -31.09 -4.37
C GLY A 121 -36.27 -29.90 -4.18
N ALA A 122 -36.09 -29.14 -3.09
CA ALA A 122 -36.95 -27.99 -2.83
C ALA A 122 -36.64 -26.86 -3.80
N PHE A 123 -35.35 -26.51 -3.89
CA PHE A 123 -34.91 -25.32 -4.62
C PHE A 123 -34.25 -25.57 -5.98
N GLY A 124 -34.05 -26.84 -6.32
CA GLY A 124 -33.37 -27.24 -7.57
C GLY A 124 -33.58 -26.38 -8.81
N ASP A 125 -34.79 -25.86 -8.99
CA ASP A 125 -35.13 -25.10 -10.20
C ASP A 125 -35.50 -23.64 -9.91
N TYR A 126 -34.49 -22.83 -9.58
CA TYR A 126 -34.68 -21.42 -9.19
C TYR A 126 -33.76 -20.48 -9.98
N VAL A 127 -34.09 -19.19 -9.99
CA VAL A 127 -33.26 -18.16 -10.62
C VAL A 127 -32.87 -17.07 -9.61
N VAL A 128 -31.94 -16.19 -10.00
CA VAL A 128 -31.46 -15.14 -9.10
C VAL A 128 -31.24 -13.81 -9.80
N THR A 129 -32.20 -12.89 -9.66
CA THR A 129 -31.98 -11.50 -10.05
C THR A 129 -31.78 -10.66 -8.79
N ARG A 130 -30.79 -9.78 -8.80
CA ARG A 130 -30.55 -8.90 -7.67
C ARG A 130 -31.41 -7.64 -7.74
N ASP A 131 -32.25 -7.45 -6.73
CA ASP A 131 -33.17 -6.31 -6.69
C ASP A 131 -32.38 -5.03 -6.50
N VAL A 132 -32.09 -4.38 -7.64
CA VAL A 132 -31.24 -3.21 -7.68
C VAL A 132 -32.10 -1.92 -7.76
N ASP A 133 -33.14 -1.88 -6.91
CA ASP A 133 -34.08 -0.76 -6.84
C ASP A 133 -33.65 0.32 -5.85
N ALA A 134 -33.64 1.57 -6.33
CA ALA A 134 -33.25 2.73 -5.52
C ALA A 134 -34.02 2.85 -4.20
N GLU A 135 -35.30 2.47 -4.21
CA GLU A 135 -36.16 2.53 -3.03
C GLU A 135 -35.64 1.73 -1.84
N ASP A 136 -35.26 0.48 -2.11
CA ASP A 136 -34.58 -0.35 -1.13
C ASP A 136 -33.06 -0.32 -1.38
N LEU A 137 -32.55 0.84 -1.79
CA LEU A 137 -31.12 1.07 -1.94
C LEU A 137 -30.60 2.30 -1.21
N ASN A 138 -31.24 3.46 -1.44
CA ASN A 138 -30.89 4.69 -0.71
C ASN A 138 -31.07 4.52 0.81
N ALA A 139 -31.59 3.37 1.20
CA ALA A 139 -31.78 2.99 2.60
C ALA A 139 -30.71 2.01 3.10
N VAL A 140 -30.19 1.17 2.20
CA VAL A 140 -29.23 0.12 2.58
C VAL A 140 -27.77 0.45 2.22
N PRO A 141 -26.80 0.05 3.09
CA PRO A 141 -25.37 0.23 2.85
C PRO A 141 -24.89 -0.16 1.45
N ARG A 142 -23.93 0.63 0.95
CA ARG A 142 -23.33 0.46 -0.37
C ARG A 142 -22.87 -0.97 -0.63
N GLN A 143 -22.27 -1.60 0.38
CA GLN A 143 -21.75 -2.96 0.24
C GLN A 143 -22.76 -4.04 0.66
N THR A 144 -24.00 -3.62 0.91
CA THR A 144 -25.10 -4.56 1.10
C THR A 144 -25.84 -4.81 -0.21
N ILE A 145 -25.95 -6.09 -0.56
CA ILE A 145 -26.53 -6.54 -1.82
C ILE A 145 -27.79 -7.35 -1.55
N ILE A 146 -28.88 -7.00 -2.23
CA ILE A 146 -30.19 -7.66 -2.03
C ILE A 146 -30.61 -8.45 -3.28
N MET A 147 -30.76 -9.76 -3.12
CA MET A 147 -31.12 -10.67 -4.22
C MET A 147 -32.40 -11.44 -3.96
N TYR A 148 -32.95 -12.04 -5.01
CA TYR A 148 -34.15 -12.87 -4.91
C TYR A 148 -34.01 -14.20 -5.65
N MET A 149 -34.48 -15.27 -5.01
CA MET A 149 -34.55 -16.59 -5.62
C MET A 149 -36.02 -16.91 -5.88
N ARG A 150 -36.35 -17.24 -7.13
CA ARG A 150 -37.75 -17.33 -7.55
C ARG A 150 -38.03 -18.43 -8.59
N VAL A 151 -39.09 -18.24 -9.40
CA VAL A 151 -39.57 -19.22 -10.39
C VAL A 151 -40.05 -20.55 -9.77
N PHE B 4 -14.98 -5.58 13.24
CA PHE B 4 -15.12 -6.86 12.49
C PHE B 4 -13.83 -7.68 12.53
N GLU B 5 -13.53 -8.44 11.49
CA GLU B 5 -12.35 -9.30 11.47
C GLU B 5 -11.57 -9.02 10.19
N LYS B 6 -10.24 -9.21 10.21
CA LYS B 6 -9.42 -8.90 9.03
C LYS B 6 -10.11 -9.38 7.78
N LYS B 7 -10.30 -8.49 6.82
CA LYS B 7 -11.25 -8.77 5.75
C LYS B 7 -10.70 -9.56 4.53
N PRO B 8 -11.41 -9.53 3.38
CA PRO B 8 -11.62 -10.65 2.46
C PRO B 8 -10.43 -11.22 1.70
N ASP B 9 -10.55 -12.51 1.39
CA ASP B 9 -9.57 -13.26 0.62
C ASP B 9 -10.05 -13.43 -0.84
N PHE B 10 -9.14 -13.18 -1.78
CA PHE B 10 -9.47 -13.16 -3.21
C PHE B 10 -8.92 -14.28 -4.07
N THR B 11 -8.18 -15.20 -3.45
CA THR B 11 -7.56 -16.28 -4.22
C THR B 11 -8.63 -17.15 -4.89
N LEU B 12 -9.60 -17.62 -4.12
CA LEU B 12 -10.66 -18.42 -4.70
C LEU B 12 -11.36 -17.65 -5.80
N PHE B 13 -11.50 -16.33 -5.65
CA PHE B 13 -12.06 -15.55 -6.74
C PHE B 13 -11.18 -15.65 -7.99
N LEU B 14 -9.89 -15.42 -7.82
CA LEU B 14 -8.94 -15.41 -8.93
C LEU B 14 -8.72 -16.78 -9.58
N GLN B 15 -8.66 -17.82 -8.76
CA GLN B 15 -8.56 -19.19 -9.26
C GLN B 15 -9.64 -19.44 -10.28
N THR B 16 -10.88 -19.13 -9.91
CA THR B 16 -11.99 -19.37 -10.83
C THR B 16 -12.15 -18.29 -11.89
N LEU B 17 -11.82 -17.04 -11.58
CA LEU B 17 -11.84 -16.00 -12.60
C LEU B 17 -10.85 -16.32 -13.72
N SER B 18 -9.65 -16.74 -13.33
CA SER B 18 -8.61 -17.13 -14.29
C SER B 18 -9.07 -18.28 -15.19
N TRP B 19 -9.78 -19.23 -14.59
CA TRP B 19 -10.29 -20.41 -15.27
C TRP B 19 -11.38 -20.02 -16.25
N GLU B 20 -12.28 -19.15 -15.80
CA GLU B 20 -13.37 -18.65 -16.62
C GLU B 20 -12.86 -17.90 -17.83
N ILE B 21 -11.96 -16.94 -17.61
CA ILE B 21 -11.35 -16.17 -18.69
C ILE B 21 -10.62 -17.07 -19.68
N ASP B 22 -9.78 -17.97 -19.15
CA ASP B 22 -9.05 -18.90 -20.01
C ASP B 22 -9.99 -19.71 -20.91
N ASP B 23 -11.14 -20.10 -20.39
CA ASP B 23 -12.10 -20.86 -21.19
C ASP B 23 -12.60 -20.11 -22.43
N GLN B 24 -12.81 -18.81 -22.28
CA GLN B 24 -13.47 -17.98 -23.30
C GLN B 24 -12.53 -17.44 -24.36
N VAL B 25 -11.27 -17.33 -23.98
CA VAL B 25 -10.36 -16.39 -24.59
C VAL B 25 -9.05 -17.10 -24.86
N GLY B 26 -8.40 -16.78 -25.99
CA GLY B 26 -7.09 -17.34 -26.30
C GLY B 26 -6.09 -16.97 -25.22
N ILE B 27 -5.01 -17.73 -25.09
CA ILE B 27 -4.02 -17.38 -24.06
C ILE B 27 -3.27 -16.10 -24.45
N GLU B 28 -3.29 -15.75 -25.74
CA GLU B 28 -2.74 -14.49 -26.23
C GLU B 28 -3.52 -13.26 -25.74
N VAL B 29 -4.81 -13.23 -26.05
CA VAL B 29 -5.70 -12.15 -25.60
C VAL B 29 -5.66 -11.97 -24.08
N ARG B 30 -5.75 -13.07 -23.34
CA ARG B 30 -5.65 -13.05 -21.88
C ARG B 30 -4.38 -12.36 -21.39
N ASN B 31 -3.26 -12.60 -22.07
CA ASN B 31 -1.99 -11.98 -21.70
C ASN B 31 -1.98 -10.46 -21.91
N GLU B 32 -2.48 -10.02 -23.07
CA GLU B 32 -2.59 -8.60 -23.37
C GLU B 32 -3.47 -7.90 -22.34
N LEU B 33 -4.61 -8.51 -22.03
CA LEU B 33 -5.48 -8.02 -20.99
C LEU B 33 -4.68 -7.85 -19.71
N LEU B 34 -4.03 -8.93 -19.27
CA LEU B 34 -3.23 -8.90 -18.04
C LEU B 34 -2.08 -7.87 -18.06
N ARG B 35 -1.40 -7.74 -19.18
CA ARG B 35 -0.32 -6.75 -19.33
C ARG B 35 -0.83 -5.32 -19.15
N GLU B 36 -2.01 -5.07 -19.70
CA GLU B 36 -2.67 -3.78 -19.57
C GLU B 36 -2.98 -3.46 -18.11
N VAL B 37 -3.57 -4.40 -17.39
CA VAL B 37 -3.86 -4.15 -15.98
C VAL B 37 -2.55 -3.86 -15.23
N GLY B 38 -1.49 -4.59 -15.58
CA GLY B 38 -0.16 -4.35 -15.02
C GLY B 38 0.33 -2.94 -15.29
N ARG B 39 0.19 -2.49 -16.55
CA ARG B 39 0.50 -1.11 -16.90
C ARG B 39 -0.36 -0.16 -16.05
N GLY B 40 -1.61 -0.55 -15.81
CA GLY B 40 -2.55 0.21 -14.99
C GLY B 40 -2.16 0.32 -13.52
N MET B 41 -1.72 -0.80 -12.94
CA MET B 41 -1.27 -0.84 -11.54
C MET B 41 -0.09 0.10 -11.32
N GLY B 42 0.77 0.15 -12.34
CA GLY B 42 1.94 1.00 -12.33
C GLY B 42 1.61 2.46 -12.46
N THR B 43 0.39 2.79 -12.90
CA THR B 43 -0.01 4.19 -12.89
C THR B 43 -0.52 4.60 -11.50
N ARG B 44 -1.10 3.66 -10.78
CA ARG B 44 -1.63 3.95 -9.45
C ARG B 44 -0.53 4.02 -8.39
N ILE B 45 0.46 3.13 -8.45
CA ILE B 45 1.61 3.19 -7.54
C ILE B 45 2.96 3.21 -8.28
N MET B 46 3.75 4.26 -8.06
CA MET B 46 5.05 4.42 -8.75
C MET B 46 6.25 4.72 -7.84
N PRO B 47 7.47 4.42 -8.31
CA PRO B 47 8.69 4.82 -7.62
C PRO B 47 8.99 6.32 -7.83
N PRO B 48 9.85 6.91 -6.97
CA PRO B 48 10.34 8.25 -7.30
C PRO B 48 11.43 8.13 -8.37
N PRO B 49 11.86 9.25 -8.98
CA PRO B 49 12.94 9.21 -9.97
C PRO B 49 14.30 8.79 -9.37
N CYS B 50 14.72 7.57 -9.66
CA CYS B 50 15.97 7.04 -9.11
C CYS B 50 17.21 7.39 -9.95
N GLN B 51 18.34 7.57 -9.28
CA GLN B 51 19.61 7.87 -9.94
C GLN B 51 20.37 6.61 -10.42
N THR B 52 20.39 5.57 -9.59
CA THR B 52 21.03 4.31 -9.98
C THR B 52 20.06 3.12 -9.92
N VAL B 53 20.28 2.15 -10.80
CA VAL B 53 19.53 0.89 -10.85
C VAL B 53 19.28 0.34 -9.45
N ASP B 54 20.34 0.33 -8.63
CA ASP B 54 20.27 -0.14 -7.25
C ASP B 54 19.19 0.58 -6.46
N LYS B 55 19.17 1.90 -6.51
CA LYS B 55 18.12 2.71 -5.90
C LYS B 55 16.74 2.29 -6.40
N LEU B 56 16.60 2.15 -7.72
CA LEU B 56 15.35 1.69 -8.32
C LEU B 56 14.93 0.32 -7.75
N GLN B 57 15.89 -0.55 -7.51
CA GLN B 57 15.60 -1.86 -6.94
C GLN B 57 15.06 -1.76 -5.50
N ILE B 58 15.70 -0.96 -4.65
CA ILE B 58 15.15 -0.71 -3.32
C ILE B 58 13.73 -0.16 -3.46
N GLU B 59 13.58 0.80 -4.36
CA GLU B 59 12.32 1.51 -4.56
C GLU B 59 11.20 0.60 -5.05
N LEU B 60 11.49 -0.28 -5.99
CA LEU B 60 10.49 -1.20 -6.52
C LEU B 60 10.08 -2.21 -5.46
N ASN B 61 11.05 -2.84 -4.82
CA ASN B 61 10.80 -3.78 -3.75
C ASN B 61 9.91 -3.21 -2.65
N ALA B 62 10.08 -1.91 -2.39
CA ALA B 62 9.26 -1.18 -1.47
C ALA B 62 7.80 -1.17 -1.92
N LEU B 63 7.59 -0.89 -3.21
CA LEU B 63 6.25 -0.93 -3.79
C LEU B 63 5.65 -2.33 -3.75
N LEU B 64 6.44 -3.33 -4.13
CA LEU B 64 6.00 -4.72 -4.09
C LEU B 64 5.58 -5.14 -2.68
N ALA B 65 6.28 -4.61 -1.69
CA ALA B 65 5.98 -4.90 -0.29
C ALA B 65 4.59 -4.42 0.12
N LEU B 66 4.16 -3.30 -0.46
CA LEU B 66 2.88 -2.66 -0.14
C LEU B 66 1.72 -3.63 -0.34
N ILE B 67 1.80 -4.41 -1.41
CA ILE B 67 0.74 -5.33 -1.80
C ILE B 67 1.15 -6.80 -1.64
N GLY B 68 2.38 -7.01 -1.16
CA GLY B 68 2.88 -8.36 -0.86
C GLY B 68 3.05 -9.26 -2.07
N TRP B 69 3.46 -8.66 -3.20
CA TRP B 69 3.61 -9.39 -4.46
C TRP B 69 5.03 -9.90 -4.73
N GLY B 70 5.78 -10.16 -3.67
CA GLY B 70 7.13 -10.71 -3.78
C GLY B 70 8.23 -9.67 -3.82
N THR B 71 9.46 -10.14 -4.09
CA THR B 71 10.64 -9.28 -4.18
C THR B 71 11.27 -9.37 -5.58
N VAL B 72 12.09 -8.39 -5.91
CA VAL B 72 12.69 -8.33 -7.24
C VAL B 72 14.16 -7.94 -7.19
N THR B 73 14.94 -8.46 -8.14
CA THR B 73 16.29 -7.97 -8.35
C THR B 73 16.49 -7.53 -9.81
N LEU B 74 16.99 -6.31 -9.96
CA LEU B 74 17.34 -5.78 -11.26
C LEU B 74 18.83 -5.97 -11.46
N GLU B 75 19.26 -6.06 -12.72
CA GLU B 75 20.67 -6.24 -13.03
C GLU B 75 21.00 -5.61 -14.37
N LEU B 76 21.81 -4.56 -14.32
CA LEU B 76 22.26 -3.88 -15.52
C LEU B 76 23.27 -4.77 -16.22
N LEU B 77 22.93 -5.17 -17.44
CA LEU B 77 23.84 -5.90 -18.30
C LEU B 77 24.49 -4.93 -19.31
N SER B 78 25.73 -4.56 -18.99
CA SER B 78 26.45 -3.43 -19.62
C SER B 78 26.65 -3.51 -21.15
N GLU B 79 26.59 -4.71 -21.70
CA GLU B 79 26.88 -4.95 -23.13
C GLU B 79 25.72 -4.63 -24.08
N ASP B 80 24.50 -4.99 -23.68
CA ASP B 80 23.31 -4.69 -24.48
C ASP B 80 22.72 -3.36 -24.05
N GLN B 81 23.19 -2.84 -22.92
CA GLN B 81 22.48 -1.77 -22.22
C GLN B 81 21.05 -2.26 -22.00
N SER B 82 20.96 -3.58 -21.79
CA SER B 82 19.71 -4.25 -21.49
C SER B 82 19.69 -4.49 -19.99
N LEU B 83 18.53 -4.88 -19.48
CA LEU B 83 18.33 -5.01 -18.04
C LEU B 83 17.46 -6.21 -17.70
N ARG B 84 18.02 -7.16 -16.96
CA ARG B 84 17.27 -8.36 -16.59
C ARG B 84 16.58 -8.18 -15.24
N ILE B 85 15.32 -8.59 -15.22
CA ILE B 85 14.46 -8.44 -14.06
C ILE B 85 14.08 -9.83 -13.58
N VAL B 86 14.52 -10.14 -12.36
CA VAL B 86 14.27 -11.46 -11.79
C VAL B 86 13.38 -11.27 -10.57
N HIS B 87 12.18 -11.80 -10.67
CA HIS B 87 11.12 -11.56 -9.69
C HIS B 87 10.71 -12.82 -8.95
N GLU B 88 10.88 -12.81 -7.63
CA GLU B 88 10.51 -13.94 -6.76
C GLU B 88 9.06 -13.88 -6.32
N ASN B 89 8.48 -15.05 -6.06
CA ASN B 89 7.20 -15.17 -5.40
C ASN B 89 6.10 -14.33 -6.03
N LEU B 90 5.81 -14.60 -7.30
CA LEU B 90 4.60 -14.10 -7.92
C LEU B 90 3.46 -14.81 -7.22
N PRO B 91 2.40 -14.08 -6.85
CA PRO B 91 1.27 -14.76 -6.21
C PRO B 91 0.63 -15.83 -7.10
N GLN B 92 0.54 -17.06 -6.60
CA GLN B 92 -0.07 -18.16 -7.33
C GLN B 92 -1.60 -18.12 -7.18
N VAL B 93 -2.33 -18.29 -8.29
CA VAL B 93 -3.81 -18.25 -8.24
C VAL B 93 -4.47 -19.44 -8.96
N GLY B 94 -4.17 -20.64 -8.48
CA GLY B 94 -4.64 -21.86 -9.13
C GLY B 94 -3.61 -22.33 -10.12
N SER B 95 -4.00 -23.26 -10.99
CA SER B 95 -3.07 -23.94 -11.88
C SER B 95 -2.97 -23.33 -13.28
N ALA B 96 -3.59 -22.18 -13.49
CA ALA B 96 -3.64 -21.57 -14.83
C ALA B 96 -2.34 -20.85 -15.17
N GLY B 97 -2.14 -20.62 -16.47
CA GLY B 97 -0.95 -19.91 -16.97
C GLY B 97 0.11 -20.90 -17.37
N GLU B 98 1.19 -20.40 -17.97
CA GLU B 98 2.27 -21.26 -18.46
C GLU B 98 3.63 -20.79 -17.96
N PRO B 99 4.24 -21.57 -17.06
CA PRO B 99 3.63 -22.84 -16.67
C PRO B 99 2.53 -22.67 -15.62
N SER B 100 1.81 -23.76 -15.36
CA SER B 100 0.75 -23.81 -14.38
C SER B 100 1.14 -23.06 -13.11
N GLY B 101 0.35 -22.05 -12.76
CA GLY B 101 0.56 -21.29 -11.52
C GLY B 101 1.00 -19.85 -11.73
N THR B 102 1.42 -19.55 -12.95
CA THR B 102 2.00 -18.26 -13.27
C THR B 102 1.07 -17.33 -14.07
N TRP B 103 -0.23 -17.57 -13.99
CA TRP B 103 -1.25 -16.78 -14.71
C TRP B 103 -0.96 -15.27 -14.66
N LEU B 104 -0.66 -14.78 -13.46
CA LEU B 104 -0.46 -13.35 -13.24
C LEU B 104 0.85 -12.79 -13.77
N ALA B 105 1.64 -13.61 -14.45
CA ALA B 105 2.96 -13.17 -14.92
C ALA B 105 2.84 -12.01 -15.92
N PRO B 106 2.00 -12.15 -16.96
CA PRO B 106 1.76 -11.00 -17.83
C PRO B 106 1.56 -9.69 -17.08
N VAL B 107 0.96 -9.75 -15.89
CA VAL B 107 0.78 -8.53 -15.08
C VAL B 107 2.12 -7.88 -14.77
N LEU B 108 3.07 -8.67 -14.28
CA LEU B 108 4.41 -8.17 -14.02
C LEU B 108 5.02 -7.49 -15.26
N GLU B 109 4.76 -8.04 -16.44
CA GLU B 109 5.27 -7.44 -17.68
C GLU B 109 4.79 -6.01 -17.83
N GLY B 110 3.49 -5.79 -17.56
CA GLY B 110 2.91 -4.46 -17.61
C GLY B 110 3.43 -3.60 -16.49
N LEU B 111 3.48 -4.18 -15.29
CA LEU B 111 3.94 -3.48 -14.09
C LEU B 111 5.38 -2.96 -14.23
N TYR B 112 6.33 -3.87 -14.49
CA TYR B 112 7.73 -3.48 -14.64
C TYR B 112 7.96 -2.53 -15.81
N GLY B 113 7.22 -2.74 -16.90
CA GLY B 113 7.27 -1.86 -18.07
C GLY B 113 6.89 -0.43 -17.76
N ARG B 114 5.84 -0.26 -16.96
CA ARG B 114 5.41 1.05 -16.53
C ARG B 114 6.42 1.66 -15.57
N TRP B 115 6.74 0.91 -14.52
CA TRP B 115 7.68 1.36 -13.50
C TRP B 115 9.02 1.80 -14.07
N VAL B 116 9.64 0.94 -14.86
CA VAL B 116 10.99 1.18 -15.38
C VAL B 116 11.00 2.38 -16.33
N THR B 117 9.88 2.59 -17.01
CA THR B 117 9.73 3.70 -17.95
C THR B 117 9.58 5.05 -17.24
N SER B 118 8.76 5.10 -16.19
CA SER B 118 8.54 6.32 -15.40
C SER B 118 9.84 7.06 -15.07
N GLN B 119 10.93 6.29 -15.01
CA GLN B 119 12.27 6.82 -14.78
C GLN B 119 12.74 7.65 -15.97
N ALA B 120 12.87 8.96 -15.75
CA ALA B 120 13.16 9.91 -16.82
C ALA B 120 14.38 9.49 -17.65
N GLY B 121 15.51 9.29 -16.96
CA GLY B 121 16.78 8.87 -17.56
C GLY B 121 16.73 8.18 -18.92
N ALA B 122 17.35 7.01 -18.99
CA ALA B 122 17.64 6.42 -20.31
C ALA B 122 16.48 5.72 -21.02
N PHE B 123 15.46 5.29 -20.29
CA PHE B 123 14.68 4.11 -20.70
C PHE B 123 13.51 4.20 -21.70
N GLY B 124 12.96 5.42 -21.90
CA GLY B 124 11.83 5.60 -22.84
C GLY B 124 11.97 4.84 -24.16
N ASP B 125 10.90 4.14 -24.55
CA ASP B 125 10.92 3.15 -25.64
C ASP B 125 11.83 1.95 -25.37
N TYR B 126 11.73 1.43 -24.16
CA TYR B 126 12.23 0.10 -23.79
C TYR B 126 11.01 -0.80 -23.73
N VAL B 127 11.18 -2.07 -24.09
CA VAL B 127 10.10 -3.04 -23.93
C VAL B 127 10.47 -4.16 -22.97
N VAL B 128 9.47 -4.64 -22.23
CA VAL B 128 9.66 -5.76 -21.30
C VAL B 128 9.11 -7.01 -21.92
N THR B 129 9.94 -8.04 -22.03
CA THR B 129 9.45 -9.35 -22.42
C THR B 129 9.88 -10.42 -21.42
N ARG B 130 8.95 -11.31 -21.12
CA ARG B 130 9.20 -12.45 -20.24
C ARG B 130 10.07 -13.50 -20.93
N ASP B 131 11.02 -14.02 -20.17
CA ASP B 131 11.83 -15.16 -20.56
C ASP B 131 11.05 -16.42 -20.21
N VAL B 132 10.88 -17.30 -21.19
CA VAL B 132 10.08 -18.52 -21.06
C VAL B 132 10.75 -19.65 -21.81
N ASP B 133 11.73 -20.29 -21.19
CA ASP B 133 12.54 -21.24 -21.92
C ASP B 133 12.88 -22.44 -21.04
N ALA B 134 12.72 -23.64 -21.61
CA ALA B 134 13.01 -24.87 -20.89
C ALA B 134 14.35 -24.73 -20.21
N GLU B 135 14.43 -25.17 -18.96
CA GLU B 135 15.68 -25.17 -18.17
C GLU B 135 16.12 -23.79 -17.69
N ASP B 136 15.37 -22.76 -18.08
CA ASP B 136 15.40 -21.50 -17.36
C ASP B 136 14.19 -21.50 -16.45
N LEU B 137 13.15 -22.19 -16.89
CA LEU B 137 11.99 -22.43 -16.06
C LEU B 137 12.25 -23.60 -15.12
N ASN B 138 12.99 -24.60 -15.60
CA ASN B 138 13.39 -25.76 -14.77
C ASN B 138 14.43 -25.43 -13.68
N ALA B 139 15.26 -24.43 -13.94
CA ALA B 139 16.29 -24.03 -12.99
C ALA B 139 15.73 -23.35 -11.74
N VAL B 140 14.77 -22.45 -11.92
CA VAL B 140 14.25 -21.62 -10.83
C VAL B 140 12.89 -22.10 -10.33
N PRO B 141 12.54 -21.80 -9.06
CA PRO B 141 11.22 -22.19 -8.57
C PRO B 141 10.13 -21.63 -9.49
N ARG B 142 8.95 -22.22 -9.46
CA ARG B 142 7.94 -21.84 -10.47
C ARG B 142 7.33 -20.46 -10.29
N GLN B 143 7.17 -20.02 -9.05
CA GLN B 143 6.65 -18.67 -8.81
C GLN B 143 7.72 -17.58 -9.04
N THR B 144 8.87 -17.99 -9.59
CA THR B 144 9.88 -17.04 -10.07
C THR B 144 9.67 -16.76 -11.56
N ILE B 145 9.61 -15.48 -11.88
CA ILE B 145 9.41 -15.02 -13.25
C ILE B 145 10.63 -14.19 -13.68
N ILE B 146 11.20 -14.55 -14.83
CA ILE B 146 12.37 -13.84 -15.36
C ILE B 146 12.01 -13.05 -16.62
N MET B 147 12.32 -11.76 -16.60
CA MET B 147 12.03 -10.86 -17.72
C MET B 147 13.28 -10.10 -18.13
N TYR B 148 13.28 -9.57 -19.34
CA TYR B 148 14.35 -8.70 -19.81
C TYR B 148 13.77 -7.37 -20.27
N MET B 149 14.60 -6.33 -20.24
CA MET B 149 14.20 -4.99 -20.60
C MET B 149 15.22 -4.50 -21.61
N ARG B 150 14.84 -4.50 -22.89
CA ARG B 150 15.71 -4.05 -23.97
C ARG B 150 15.08 -2.87 -24.69
N VAL B 151 15.87 -2.12 -25.45
CA VAL B 151 15.37 -0.98 -26.20
C VAL B 151 14.53 -1.43 -27.41
N ARG B 152 13.36 -0.82 -27.56
CA ARG B 152 12.43 -1.19 -28.62
C ARG B 152 13.01 -0.86 -29.99
N SER B 153 12.70 -1.73 -30.96
CA SER B 153 13.06 -1.52 -32.35
C SER B 153 11.78 -1.42 -33.18
N SER B 154 11.90 -0.91 -34.41
CA SER B 154 10.73 -0.67 -35.26
C SER B 154 10.85 -1.39 -36.61
N ALA B 155 9.75 -1.45 -37.37
CA ALA B 155 9.67 -2.45 -38.44
C ALA B 155 8.95 -2.02 -39.75
N THR B 156 9.66 -2.04 -40.88
CA THR B 156 9.12 -1.61 -42.21
C THR B 156 8.32 -2.64 -43.06
N HIS B 157 8.96 -3.73 -43.51
CA HIS B 157 8.27 -4.86 -44.17
C HIS B 157 7.21 -5.38 -43.23
N HIS B 158 7.60 -5.33 -41.97
CA HIS B 158 6.97 -5.91 -40.82
C HIS B 158 5.64 -5.23 -40.50
N HIS B 159 5.36 -4.12 -41.15
CA HIS B 159 4.02 -3.55 -41.06
C HIS B 159 3.02 -4.20 -42.02
N HIS B 160 1.98 -4.78 -41.41
CA HIS B 160 0.90 -5.47 -42.11
C HIS B 160 -0.48 -5.01 -41.57
N HIS B 161 -1.53 -5.33 -42.33
CA HIS B 161 -2.94 -5.17 -41.92
C HIS B 161 -3.43 -3.72 -41.98
N PHE C 4 12.09 -13.57 10.31
CA PHE C 4 12.15 -12.54 11.37
C PHE C 4 10.78 -12.30 12.01
N GLU C 5 10.38 -11.05 12.21
CA GLU C 5 9.15 -10.72 12.93
C GLU C 5 8.40 -9.53 12.33
N LYS C 6 7.16 -9.32 12.78
CA LYS C 6 6.33 -8.20 12.32
C LYS C 6 7.16 -6.94 12.26
N LYS C 7 6.97 -6.15 11.20
CA LYS C 7 7.88 -5.04 10.92
C LYS C 7 7.74 -3.80 11.84
N PRO C 8 8.68 -2.84 11.74
CA PRO C 8 9.04 -1.90 12.79
C PRO C 8 8.13 -0.70 12.98
N ASP C 9 8.28 -0.09 14.15
CA ASP C 9 7.42 0.96 14.64
C ASP C 9 8.07 2.32 14.46
N PHE C 10 7.34 3.25 13.83
CA PHE C 10 7.89 4.56 13.53
C PHE C 10 7.30 5.73 14.31
N THR C 11 6.44 5.44 15.28
CA THR C 11 5.79 6.51 16.05
C THR C 11 6.78 7.29 16.92
N LEU C 12 7.41 6.60 17.86
CA LEU C 12 8.40 7.18 18.74
C LEU C 12 9.42 7.98 17.95
N PHE C 13 9.89 7.41 16.84
CA PHE C 13 10.77 8.15 15.96
C PHE C 13 10.09 9.47 15.56
N LEU C 14 8.93 9.38 14.93
CA LEU C 14 8.20 10.57 14.49
C LEU C 14 7.85 11.50 15.64
N GLN C 15 7.51 10.92 16.78
CA GLN C 15 7.33 11.67 18.02
C GLN C 15 8.54 12.54 18.31
N THR C 16 9.72 11.92 18.38
CA THR C 16 10.91 12.72 18.68
C THR C 16 11.41 13.55 17.47
N LEU C 17 11.07 13.13 16.25
CA LEU C 17 11.40 13.94 15.08
C LEU C 17 10.60 15.25 15.10
N SER C 18 9.27 15.12 15.16
CA SER C 18 8.39 16.29 15.17
C SER C 18 8.78 17.32 16.24
N TRP C 19 9.22 16.84 17.39
CA TRP C 19 9.69 17.66 18.50
C TRP C 19 10.92 18.46 18.07
N GLU C 20 11.89 17.75 17.51
CA GLU C 20 13.16 18.36 17.09
C GLU C 20 12.94 19.42 16.02
N ILE C 21 12.19 19.06 14.99
CA ILE C 21 11.89 20.00 13.90
C ILE C 21 11.18 21.22 14.45
N ASP C 22 10.17 21.00 15.28
CA ASP C 22 9.47 22.12 15.92
C ASP C 22 10.43 23.01 16.69
N ASP C 23 11.32 22.40 17.47
CA ASP C 23 12.33 23.14 18.22
C ASP C 23 13.14 24.15 17.38
N GLN C 24 13.32 23.86 16.09
CA GLN C 24 14.30 24.56 15.26
C GLN C 24 13.75 25.44 14.16
N VAL C 25 12.47 25.27 13.87
CA VAL C 25 11.89 25.75 12.64
C VAL C 25 10.54 26.35 12.98
N GLY C 26 10.10 27.36 12.24
CA GLY C 26 8.80 27.95 12.50
C GLY C 26 7.69 26.92 12.39
N ILE C 27 6.54 27.21 13.00
CA ILE C 27 5.32 26.46 12.71
C ILE C 27 5.14 26.52 11.19
N GLU C 28 5.38 27.70 10.62
CA GLU C 28 5.22 27.94 9.19
C GLU C 28 6.15 27.15 8.30
N VAL C 29 7.47 27.27 8.53
CA VAL C 29 8.45 26.52 7.74
C VAL C 29 8.10 25.01 7.74
N ARG C 30 7.89 24.45 8.93
CA ARG C 30 7.54 23.04 9.07
C ARG C 30 6.34 22.64 8.21
N ASN C 31 5.26 23.42 8.28
CA ASN C 31 4.05 23.10 7.53
C ASN C 31 4.31 23.00 6.04
N GLU C 32 5.11 23.94 5.52
CA GLU C 32 5.46 23.96 4.10
C GLU C 32 6.26 22.73 3.70
N LEU C 33 7.24 22.37 4.53
CA LEU C 33 7.97 21.12 4.36
C LEU C 33 7.00 19.95 4.36
N LEU C 34 6.03 19.99 5.27
CA LEU C 34 5.06 18.90 5.39
C LEU C 34 4.05 18.78 4.26
N ARG C 35 3.65 19.90 3.66
CA ARG C 35 2.79 19.88 2.46
C ARG C 35 3.53 19.27 1.29
N GLU C 36 4.78 19.71 1.12
CA GLU C 36 5.65 19.18 0.07
C GLU C 36 5.70 17.67 0.16
N VAL C 37 5.90 17.16 1.37
CA VAL C 37 5.93 15.72 1.58
C VAL C 37 4.59 15.11 1.18
N GLY C 38 3.50 15.83 1.43
CA GLY C 38 2.17 15.42 0.98
C GLY C 38 2.07 15.28 -0.53
N ARG C 39 2.41 16.36 -1.24
CA ARG C 39 2.53 16.33 -2.71
C ARG C 39 3.29 15.08 -3.15
N GLY C 40 4.43 14.83 -2.51
CA GLY C 40 5.28 13.70 -2.83
C GLY C 40 4.56 12.37 -2.67
N MET C 41 3.92 12.20 -1.51
CA MET C 41 3.14 11.01 -1.23
C MET C 41 2.07 10.77 -2.29
N GLY C 42 1.43 11.86 -2.72
CA GLY C 42 0.42 11.80 -3.75
C GLY C 42 0.96 11.50 -5.14
N THR C 43 2.27 11.68 -5.33
CA THR C 43 2.87 11.28 -6.62
C THR C 43 3.36 9.83 -6.60
N ARG C 44 3.56 9.26 -5.41
CA ARG C 44 3.89 7.83 -5.31
C ARG C 44 2.65 6.99 -5.48
N ILE C 45 1.55 7.40 -4.83
CA ILE C 45 0.27 6.68 -4.96
C ILE C 45 -0.88 7.59 -5.35
N MET C 46 -1.70 7.14 -6.31
CA MET C 46 -2.77 7.96 -6.89
C MET C 46 -3.99 7.18 -7.37
N PRO C 47 -5.16 7.84 -7.39
CA PRO C 47 -6.37 7.25 -7.92
C PRO C 47 -6.39 7.31 -9.44
N PRO C 48 -7.29 6.54 -10.08
CA PRO C 48 -7.49 6.67 -11.51
C PRO C 48 -8.26 7.96 -11.80
N PRO C 49 -8.57 8.24 -13.08
CA PRO C 49 -9.46 9.38 -13.28
C PRO C 49 -10.93 9.03 -13.02
N CYS C 50 -11.43 9.45 -11.85
CA CYS C 50 -12.84 9.26 -11.46
C CYS C 50 -13.76 10.26 -12.12
N GLN C 51 -15.02 9.86 -12.30
CA GLN C 51 -15.97 10.66 -13.05
C GLN C 51 -16.97 11.39 -12.15
N THR C 52 -17.07 10.95 -10.89
CA THR C 52 -17.86 11.65 -9.89
C THR C 52 -17.08 11.72 -8.58
N VAL C 53 -17.24 12.83 -7.86
CA VAL C 53 -16.75 12.98 -6.50
C VAL C 53 -17.00 11.72 -5.67
N ASP C 54 -18.21 11.17 -5.79
CA ASP C 54 -18.56 9.96 -5.05
C ASP C 54 -17.57 8.83 -5.34
N LYS C 55 -17.25 8.65 -6.62
CA LYS C 55 -16.28 7.65 -7.04
C LYS C 55 -14.88 8.01 -6.55
N LEU C 56 -14.54 9.28 -6.64
CA LEU C 56 -13.25 9.76 -6.15
C LEU C 56 -13.08 9.41 -4.68
N GLN C 57 -14.16 9.54 -3.90
CA GLN C 57 -14.14 9.24 -2.48
C GLN C 57 -13.80 7.77 -2.19
N ILE C 58 -14.49 6.87 -2.87
CA ILE C 58 -14.19 5.44 -2.78
C ILE C 58 -12.73 5.20 -3.15
N GLU C 59 -12.30 5.80 -4.26
CA GLU C 59 -10.91 5.68 -4.71
C GLU C 59 -9.93 6.20 -3.68
N LEU C 60 -10.22 7.36 -3.09
CA LEU C 60 -9.33 7.97 -2.11
C LEU C 60 -9.19 7.15 -0.84
N ASN C 61 -10.33 6.69 -0.31
CA ASN C 61 -10.33 5.84 0.88
C ASN C 61 -9.53 4.55 0.68
N ALA C 62 -9.63 4.03 -0.55
CA ALA C 62 -8.88 2.86 -0.96
C ALA C 62 -7.38 3.08 -0.77
N LEU C 63 -6.89 4.22 -1.28
CA LEU C 63 -5.52 4.63 -1.10
C LEU C 63 -5.13 4.79 0.36
N LEU C 64 -5.94 5.54 1.12
CA LEU C 64 -5.66 5.75 2.54
C LEU C 64 -5.59 4.44 3.33
N ALA C 65 -6.30 3.42 2.85
CA ALA C 65 -6.32 2.11 3.49
C ALA C 65 -5.05 1.32 3.22
N LEU C 66 -4.33 1.69 2.16
CA LEU C 66 -3.08 1.05 1.79
C LEU C 66 -2.09 1.26 2.93
N ILE C 67 -2.18 2.44 3.55
CA ILE C 67 -1.22 2.86 4.56
C ILE C 67 -1.86 3.07 5.94
N GLY C 68 -3.15 2.74 6.04
CA GLY C 68 -3.88 2.84 7.32
C GLY C 68 -3.97 4.23 7.88
N TRP C 69 -3.97 5.24 7.00
CA TRP C 69 -4.01 6.64 7.41
C TRP C 69 -5.42 7.21 7.63
N GLY C 70 -6.39 6.33 7.90
CA GLY C 70 -7.74 6.77 8.20
C GLY C 70 -8.69 6.83 7.01
N THR C 71 -9.82 7.50 7.20
CA THR C 71 -10.92 7.52 6.22
C THR C 71 -11.26 8.96 5.81
N VAL C 72 -11.93 9.13 4.67
CA VAL C 72 -12.26 10.47 4.18
C VAL C 72 -13.66 10.61 3.57
N THR C 73 -14.27 11.77 3.77
CA THR C 73 -15.52 12.10 3.09
C THR C 73 -15.42 13.41 2.30
N LEU C 74 -15.99 13.35 1.10
CA LEU C 74 -15.93 14.42 0.12
C LEU C 74 -17.35 14.88 -0.18
N GLU C 75 -17.65 16.13 0.15
CA GLU C 75 -18.95 16.71 -0.17
C GLU C 75 -18.77 17.87 -1.13
N LEU C 76 -19.33 17.74 -2.33
CA LEU C 76 -19.29 18.81 -3.32
C LEU C 76 -20.33 19.88 -2.96
N LEU C 77 -19.83 21.00 -2.45
CA LEU C 77 -20.67 22.14 -2.10
C LEU C 77 -21.05 22.96 -3.34
N SER C 78 -21.97 22.41 -4.13
CA SER C 78 -22.35 23.01 -5.42
C SER C 78 -22.63 24.51 -5.36
N GLU C 79 -23.25 24.94 -4.26
CA GLU C 79 -23.76 26.31 -4.09
C GLU C 79 -22.70 27.42 -4.17
N ASP C 80 -21.45 27.07 -3.88
CA ASP C 80 -20.31 27.95 -4.21
C ASP C 80 -19.29 27.24 -5.10
N GLN C 81 -19.48 25.93 -5.28
CA GLN C 81 -18.55 25.12 -6.07
C GLN C 81 -17.22 24.84 -5.38
N SER C 82 -17.24 24.78 -4.05
CA SER C 82 -16.06 24.34 -3.30
C SER C 82 -16.22 22.88 -2.94
N LEU C 83 -15.10 22.22 -2.65
CA LEU C 83 -15.12 20.84 -2.21
C LEU C 83 -14.64 20.75 -0.76
N ARG C 84 -15.42 20.07 0.07
CA ARG C 84 -15.16 19.98 1.50
C ARG C 84 -14.60 18.60 1.85
N ILE C 85 -13.41 18.59 2.44
CA ILE C 85 -12.72 17.35 2.76
C ILE C 85 -12.72 17.11 4.26
N VAL C 86 -13.40 16.05 4.69
CA VAL C 86 -13.45 15.70 6.10
C VAL C 86 -12.76 14.36 6.32
N HIS C 87 -11.62 14.42 6.99
CA HIS C 87 -10.73 13.28 7.16
C HIS C 87 -10.62 12.86 8.62
N GLU C 88 -10.87 11.58 8.89
CA GLU C 88 -10.80 11.05 10.25
C GLU C 88 -9.56 10.19 10.52
N ASN C 89 -9.15 10.21 11.78
CA ASN C 89 -7.96 9.49 12.25
C ASN C 89 -6.75 9.78 11.40
N LEU C 90 -6.40 11.06 11.31
CA LEU C 90 -5.05 11.43 10.96
C LEU C 90 -4.18 10.75 12.01
N PRO C 91 -3.17 9.99 11.58
CA PRO C 91 -2.30 9.32 12.56
C PRO C 91 -1.72 10.35 13.54
N GLN C 92 -1.83 10.05 14.83
CA GLN C 92 -1.26 10.91 15.85
C GLN C 92 0.21 10.54 16.13
N VAL C 93 1.09 11.55 16.13
CA VAL C 93 2.51 11.34 16.45
C VAL C 93 3.00 12.23 17.60
N GLY C 94 2.59 11.91 18.81
CA GLY C 94 2.94 12.72 19.97
C GLY C 94 2.04 13.93 20.05
N SER C 95 2.46 14.92 20.81
CA SER C 95 1.61 16.08 21.13
C SER C 95 1.86 17.33 20.27
N ALA C 96 2.88 17.32 19.43
CA ALA C 96 3.16 18.46 18.55
C ALA C 96 2.00 18.73 17.59
N GLY C 97 2.00 19.91 16.98
CA GLY C 97 0.93 20.29 16.07
C GLY C 97 -0.06 21.22 16.75
N GLU C 98 -0.84 21.92 15.94
CA GLU C 98 -1.84 22.85 16.44
C GLU C 98 -3.19 22.56 15.81
N PRO C 99 -4.09 21.94 16.58
CA PRO C 99 -3.84 21.60 17.99
C PRO C 99 -2.98 20.35 18.17
N SER C 100 -2.50 20.16 19.40
CA SER C 100 -1.66 19.05 19.78
C SER C 100 -2.19 17.72 19.30
N GLY C 101 -1.29 16.89 18.75
CA GLY C 101 -1.63 15.56 18.26
C GLY C 101 -1.83 15.55 16.76
N THR C 102 -1.72 16.73 16.16
CA THR C 102 -2.19 16.96 14.81
C THR C 102 -1.09 17.37 13.82
N TRP C 103 0.15 17.26 14.27
CA TRP C 103 1.35 17.62 13.49
C TRP C 103 1.31 17.18 12.02
N LEU C 104 0.91 15.92 11.78
CA LEU C 104 0.87 15.40 10.41
C LEU C 104 -0.21 16.02 9.52
N ALA C 105 -0.97 16.97 10.05
CA ALA C 105 -2.12 17.51 9.32
C ALA C 105 -1.77 18.10 7.96
N PRO C 106 -0.71 18.95 7.90
CA PRO C 106 -0.44 19.57 6.60
C PRO C 106 -0.01 18.58 5.51
N VAL C 107 0.31 17.34 5.90
CA VAL C 107 0.61 16.31 4.90
C VAL C 107 -0.67 16.04 4.12
N LEU C 108 -1.77 15.88 4.84
CA LEU C 108 -3.09 15.79 4.24
C LEU C 108 -3.33 16.91 3.22
N GLU C 109 -2.94 18.14 3.55
CA GLU C 109 -3.08 19.26 2.60
C GLU C 109 -2.31 19.01 1.31
N GLY C 110 -1.06 18.58 1.44
CA GLY C 110 -0.26 18.22 0.29
C GLY C 110 -0.91 17.05 -0.42
N LEU C 111 -1.18 16.00 0.33
CA LEU C 111 -1.69 14.75 -0.24
C LEU C 111 -2.99 14.96 -1.01
N TYR C 112 -3.94 15.68 -0.41
CA TYR C 112 -5.24 15.90 -1.03
C TYR C 112 -5.19 16.80 -2.27
N GLY C 113 -4.47 17.92 -2.16
CA GLY C 113 -4.29 18.83 -3.30
C GLY C 113 -3.68 18.14 -4.51
N ARG C 114 -2.69 17.30 -4.25
CA ARG C 114 -2.10 16.45 -5.28
C ARG C 114 -3.12 15.46 -5.84
N TRP C 115 -3.93 14.88 -4.97
CA TRP C 115 -4.90 13.87 -5.38
C TRP C 115 -6.08 14.41 -6.20
N VAL C 116 -6.68 15.50 -5.74
CA VAL C 116 -7.86 16.04 -6.41
C VAL C 116 -7.52 16.93 -7.61
N THR C 117 -6.25 17.35 -7.67
CA THR C 117 -5.76 18.12 -8.80
C THR C 117 -5.41 17.20 -9.97
N SER C 118 -4.81 16.04 -9.66
CA SER C 118 -4.52 15.00 -10.65
C SER C 118 -5.77 14.63 -11.45
N GLN C 119 -6.93 14.96 -10.88
CA GLN C 119 -8.22 14.65 -11.48
C GLN C 119 -8.42 15.43 -12.76
N ALA C 120 -8.50 14.68 -13.87
CA ALA C 120 -8.47 15.25 -15.22
C ALA C 120 -9.45 16.39 -15.45
N GLY C 121 -8.93 17.62 -15.40
CA GLY C 121 -9.67 18.82 -15.78
C GLY C 121 -10.64 19.38 -14.74
N ALA C 122 -11.25 18.48 -13.96
CA ALA C 122 -12.31 18.84 -13.01
C ALA C 122 -11.87 19.90 -11.99
N PHE C 123 -11.29 19.44 -10.88
CA PHE C 123 -10.72 20.34 -9.89
C PHE C 123 -9.28 20.63 -10.32
N GLY C 124 -9.16 21.21 -11.52
CA GLY C 124 -7.88 21.39 -12.20
C GLY C 124 -6.88 22.21 -11.42
N ASP C 125 -7.24 23.44 -11.13
CA ASP C 125 -6.38 24.35 -10.38
C ASP C 125 -7.08 24.89 -9.13
N TYR C 126 -7.48 23.96 -8.27
CA TYR C 126 -8.00 24.26 -6.95
C TYR C 126 -6.83 24.42 -5.98
N VAL C 127 -7.11 24.91 -4.78
CA VAL C 127 -6.12 24.94 -3.70
C VAL C 127 -6.71 24.34 -2.44
N VAL C 128 -5.86 23.85 -1.53
CA VAL C 128 -6.35 23.26 -0.28
C VAL C 128 -6.02 24.13 0.92
N THR C 129 -7.08 24.63 1.55
CA THR C 129 -6.97 25.27 2.85
C THR C 129 -7.40 24.25 3.88
N ARG C 130 -6.72 24.23 5.03
CA ARG C 130 -7.29 23.58 6.20
C ARG C 130 -8.19 24.58 6.92
N ASP C 131 -9.31 24.07 7.42
CA ASP C 131 -10.15 24.83 8.36
C ASP C 131 -9.58 24.66 9.76
N VAL C 132 -9.36 25.79 10.44
CA VAL C 132 -8.75 25.77 11.77
C VAL C 132 -9.57 26.61 12.78
N ASP C 133 -10.61 27.27 12.26
CA ASP C 133 -11.58 28.00 13.08
C ASP C 133 -11.96 27.24 14.35
N ALA C 134 -11.96 27.96 15.47
CA ALA C 134 -12.23 27.39 16.79
C ALA C 134 -13.46 26.48 16.86
N GLU C 135 -14.64 27.05 16.60
CA GLU C 135 -15.93 26.38 16.83
C GLU C 135 -16.02 24.96 16.26
N ASP C 136 -15.52 24.78 15.04
CA ASP C 136 -15.58 23.50 14.36
C ASP C 136 -14.61 22.48 14.93
N LEU C 137 -13.43 22.93 15.35
CA LEU C 137 -12.39 22.02 15.80
C LEU C 137 -12.73 21.25 17.08
N ASN C 138 -13.50 21.86 17.98
CA ASN C 138 -13.98 21.13 19.15
C ASN C 138 -15.44 20.64 19.05
N ALA C 139 -16.03 20.80 17.87
CA ALA C 139 -17.22 20.03 17.51
C ALA C 139 -16.75 18.63 17.11
N VAL C 140 -15.53 18.58 16.55
CA VAL C 140 -14.94 17.38 15.97
C VAL C 140 -13.79 16.84 16.84
N PRO C 141 -13.50 15.53 16.76
CA PRO C 141 -12.39 15.03 17.58
C PRO C 141 -11.01 15.53 17.12
N ARG C 142 -10.05 15.47 18.04
CA ARG C 142 -8.63 15.78 17.78
C ARG C 142 -8.14 15.48 16.38
N GLN C 143 -8.19 14.20 16.04
CA GLN C 143 -7.54 13.65 14.86
C GLN C 143 -8.39 13.77 13.60
N THR C 144 -9.59 14.31 13.75
CA THR C 144 -10.41 14.65 12.60
C THR C 144 -9.93 15.99 12.04
N ILE C 145 -9.55 15.99 10.77
CA ILE C 145 -9.09 17.21 10.11
C ILE C 145 -10.05 17.63 9.00
N ILE C 146 -10.45 18.90 9.03
CA ILE C 146 -11.34 19.48 8.02
C ILE C 146 -10.56 20.40 7.07
N MET C 147 -10.67 20.11 5.79
CA MET C 147 -10.04 20.88 4.73
C MET C 147 -11.07 21.40 3.73
N TYR C 148 -10.70 22.47 3.04
CA TYR C 148 -11.51 22.98 1.94
C TYR C 148 -10.70 23.10 0.66
N MET C 149 -11.29 22.59 -0.40
CA MET C 149 -10.74 22.66 -1.73
C MET C 149 -11.61 23.66 -2.49
N ARG C 150 -11.03 24.82 -2.80
CA ARG C 150 -11.70 25.78 -3.69
C ARG C 150 -10.75 26.29 -4.76
N VAL C 151 -11.33 26.84 -5.83
CA VAL C 151 -10.59 27.33 -6.99
C VAL C 151 -9.63 28.48 -6.66
N ARG C 152 -8.37 28.31 -7.06
CA ARG C 152 -7.33 29.33 -6.91
C ARG C 152 -7.78 30.69 -7.43
N SER C 153 -7.99 31.64 -6.52
CA SER C 153 -8.09 33.02 -6.95
C SER C 153 -6.67 33.55 -7.08
N SER C 154 -6.40 34.26 -8.17
CA SER C 154 -5.06 34.75 -8.47
C SER C 154 -4.67 35.94 -7.59
N ALA C 155 -3.38 36.22 -7.55
CA ALA C 155 -2.85 37.31 -6.74
C ALA C 155 -3.18 38.68 -7.34
N THR C 156 -3.48 39.62 -6.45
CA THR C 156 -3.57 41.03 -6.79
C THR C 156 -2.15 41.52 -7.02
N HIS C 157 -1.96 42.60 -7.78
CA HIS C 157 -0.60 43.12 -8.02
C HIS C 157 -0.01 43.69 -6.74
N HIS C 158 -0.88 44.21 -5.87
CA HIS C 158 -0.49 44.72 -4.58
C HIS C 158 0.24 43.60 -3.84
N HIS C 159 -0.30 42.37 -3.95
CA HIS C 159 0.34 41.19 -3.37
C HIS C 159 1.61 40.75 -4.12
N HIS C 160 1.64 40.98 -5.45
CA HIS C 160 2.82 40.66 -6.30
C HIS C 160 4.15 41.22 -5.76
N HIS C 161 4.09 42.18 -4.82
CA HIS C 161 5.32 42.55 -4.10
C HIS C 161 5.75 41.40 -3.14
N HIS C 162 6.03 40.25 -3.74
CA HIS C 162 6.38 38.99 -3.05
C HIS C 162 5.21 38.40 -2.25
N PHE D 4 -5.60 -8.37 18.35
CA PHE D 4 -6.51 -8.53 17.18
C PHE D 4 -6.31 -7.41 16.16
N GLU D 5 -6.56 -6.17 16.60
CA GLU D 5 -6.70 -5.01 15.70
C GLU D 5 -5.37 -4.34 15.32
N LYS D 6 -5.38 -3.64 14.18
CA LYS D 6 -4.20 -3.00 13.61
C LYS D 6 -4.42 -1.56 13.15
N LYS D 7 -3.33 -0.83 12.94
CA LYS D 7 -3.39 0.60 12.59
C LYS D 7 -2.17 1.09 11.76
N PRO D 8 -1.85 2.42 11.83
CA PRO D 8 -1.13 3.15 10.79
C PRO D 8 0.31 2.79 10.52
N ASP D 9 0.70 2.96 9.27
CA ASP D 9 2.03 2.71 8.76
C ASP D 9 2.65 4.04 8.37
N PHE D 10 3.96 4.17 8.54
CA PHE D 10 4.62 5.47 8.33
C PHE D 10 5.72 5.46 7.29
N THR D 11 5.91 4.32 6.65
CA THR D 11 7.08 4.12 5.81
C THR D 11 7.03 4.85 4.47
N LEU D 12 5.88 4.89 3.80
CA LEU D 12 5.80 5.69 2.57
C LEU D 12 6.03 7.16 2.90
N PHE D 13 5.45 7.61 4.01
CA PHE D 13 5.72 8.93 4.54
C PHE D 13 7.22 9.18 4.68
N LEU D 14 7.94 8.26 5.33
CA LEU D 14 9.38 8.45 5.52
C LEU D 14 10.16 8.40 4.20
N GLN D 15 9.69 7.62 3.24
CA GLN D 15 10.29 7.58 1.92
C GLN D 15 10.25 8.97 1.29
N THR D 16 9.09 9.60 1.35
CA THR D 16 8.95 10.95 0.80
C THR D 16 9.58 12.03 1.70
N LEU D 17 9.53 11.83 3.01
CA LEU D 17 10.19 12.73 3.94
C LEU D 17 11.71 12.72 3.75
N SER D 18 12.31 11.54 3.84
CA SER D 18 13.75 11.39 3.61
C SER D 18 14.16 12.15 2.35
N TRP D 19 13.47 11.86 1.25
CA TRP D 19 13.70 12.47 -0.04
C TRP D 19 13.60 13.99 -0.01
N GLU D 20 12.44 14.47 0.42
CA GLU D 20 12.20 15.90 0.55
C GLU D 20 13.32 16.54 1.36
N ILE D 21 13.61 15.97 2.52
CA ILE D 21 14.64 16.51 3.40
C ILE D 21 15.97 16.59 2.66
N ASP D 22 16.40 15.47 2.06
CA ASP D 22 17.70 15.36 1.39
C ASP D 22 17.87 16.32 0.24
N ASP D 23 16.77 16.57 -0.46
CA ASP D 23 16.71 17.46 -1.58
C ASP D 23 16.90 18.90 -1.12
N GLN D 24 16.46 19.20 0.10
CA GLN D 24 16.43 20.57 0.60
C GLN D 24 17.58 20.94 1.53
N VAL D 25 18.07 19.99 2.33
CA VAL D 25 19.10 20.31 3.33
C VAL D 25 20.52 19.86 3.00
N GLY D 26 20.66 18.67 2.40
CA GLY D 26 21.98 18.10 2.12
C GLY D 26 22.29 16.95 3.08
N ILE D 27 23.42 16.27 2.85
CA ILE D 27 23.76 15.09 3.66
C ILE D 27 24.16 15.45 5.08
N GLU D 28 24.95 16.51 5.24
CA GLU D 28 25.53 16.85 6.56
C GLU D 28 24.52 17.35 7.59
N VAL D 29 23.63 18.23 7.15
CA VAL D 29 22.61 18.84 8.02
C VAL D 29 21.54 17.81 8.38
N ARG D 30 21.19 16.99 7.40
CA ARG D 30 20.23 15.91 7.59
C ARG D 30 20.73 14.93 8.64
N ASN D 31 22.04 14.67 8.61
CA ASN D 31 22.66 13.71 9.51
C ASN D 31 22.74 14.20 10.96
N GLU D 32 23.11 15.46 11.15
CA GLU D 32 23.08 16.02 12.50
C GLU D 32 21.66 16.05 13.04
N LEU D 33 20.70 16.46 12.23
CA LEU D 33 19.29 16.38 12.60
C LEU D 33 18.95 14.98 13.07
N LEU D 34 19.40 13.99 12.31
CA LEU D 34 19.10 12.59 12.58
C LEU D 34 19.82 12.03 13.82
N ARG D 35 21.00 12.57 14.14
CA ARG D 35 21.67 12.23 15.40
C ARG D 35 20.88 12.76 16.61
N GLU D 36 20.40 13.99 16.48
CA GLU D 36 19.59 14.66 17.48
C GLU D 36 18.32 13.89 17.82
N VAL D 37 17.60 13.48 16.78
CA VAL D 37 16.40 12.67 16.93
C VAL D 37 16.76 11.33 17.58
N GLY D 38 17.90 10.77 17.17
CA GLY D 38 18.45 9.59 17.84
C GLY D 38 18.61 9.83 19.32
N ARG D 39 19.29 10.92 19.68
CA ARG D 39 19.46 11.29 21.09
C ARG D 39 18.11 11.44 21.78
N GLY D 40 17.18 12.14 21.12
CA GLY D 40 15.83 12.36 21.63
C GLY D 40 15.13 11.09 22.07
N MET D 41 15.08 10.10 21.18
CA MET D 41 14.51 8.80 21.49
C MET D 41 15.17 8.19 22.73
N GLY D 42 16.49 8.36 22.81
CA GLY D 42 17.28 7.83 23.91
C GLY D 42 16.93 8.43 25.26
N THR D 43 16.31 9.61 25.25
CA THR D 43 15.79 10.17 26.49
C THR D 43 14.38 9.64 26.79
N ARG D 44 13.61 9.34 25.73
CA ARG D 44 12.25 8.75 25.86
C ARG D 44 12.23 7.30 26.38
N ILE D 45 13.00 6.41 25.76
CA ILE D 45 13.10 5.01 26.23
C ILE D 45 14.55 4.65 26.56
N MET D 46 14.78 4.03 27.72
CA MET D 46 16.15 3.72 28.16
C MET D 46 16.33 2.50 29.06
N PRO D 47 17.55 1.92 29.06
CA PRO D 47 17.82 0.73 29.86
C PRO D 47 18.05 1.09 31.31
N PRO D 48 18.15 0.09 32.20
CA PRO D 48 18.59 0.36 33.56
C PRO D 48 20.12 0.51 33.62
N PRO D 49 20.66 0.89 34.80
CA PRO D 49 22.12 0.91 34.98
C PRO D 49 22.69 -0.50 34.93
N CYS D 50 23.26 -0.88 33.78
CA CYS D 50 23.79 -2.24 33.60
C CYS D 50 25.18 -2.42 34.20
N GLN D 51 25.41 -3.61 34.76
CA GLN D 51 26.68 -3.91 35.41
C GLN D 51 27.73 -4.50 34.48
N THR D 52 27.30 -5.25 33.46
CA THR D 52 28.22 -5.79 32.46
C THR D 52 27.77 -5.48 31.03
N VAL D 53 28.74 -5.45 30.11
CA VAL D 53 28.49 -5.19 28.69
C VAL D 53 27.47 -6.18 28.13
N ASP D 54 27.55 -7.43 28.59
CA ASP D 54 26.60 -8.46 28.24
C ASP D 54 25.20 -8.05 28.67
N LYS D 55 25.04 -7.79 29.96
CA LYS D 55 23.74 -7.34 30.47
C LYS D 55 23.25 -6.16 29.66
N LEU D 56 24.14 -5.20 29.41
CA LEU D 56 23.78 -4.04 28.62
C LEU D 56 23.20 -4.44 27.26
N GLN D 57 23.82 -5.42 26.62
CA GLN D 57 23.34 -5.88 25.32
C GLN D 57 21.87 -6.30 25.37
N ILE D 58 21.55 -7.27 26.24
CA ILE D 58 20.18 -7.71 26.47
C ILE D 58 19.21 -6.53 26.67
N GLU D 59 19.52 -5.64 27.60
CA GLU D 59 18.66 -4.48 27.88
C GLU D 59 18.47 -3.60 26.65
N LEU D 60 19.49 -3.51 25.80
CA LEU D 60 19.38 -2.73 24.58
C LEU D 60 18.51 -3.43 23.56
N ASN D 61 18.69 -4.74 23.40
CA ASN D 61 17.86 -5.52 22.48
C ASN D 61 16.37 -5.53 22.83
N ALA D 62 16.10 -5.56 24.14
CA ALA D 62 14.77 -5.43 24.68
C ALA D 62 14.10 -4.16 24.16
N LEU D 63 14.83 -3.04 24.29
CA LEU D 63 14.33 -1.76 23.83
C LEU D 63 14.15 -1.76 22.33
N LEU D 64 15.11 -2.31 21.59
CA LEU D 64 14.96 -2.36 20.13
C LEU D 64 13.74 -3.19 19.72
N ALA D 65 13.46 -4.24 20.50
CA ALA D 65 12.32 -5.12 20.26
C ALA D 65 11.01 -4.37 20.48
N LEU D 66 11.06 -3.40 21.39
CA LEU D 66 9.89 -2.61 21.77
C LEU D 66 9.34 -1.88 20.56
N ILE D 67 10.23 -1.34 19.74
CA ILE D 67 9.84 -0.61 18.53
C ILE D 67 10.19 -1.39 17.26
N GLY D 68 10.80 -2.56 17.42
CA GLY D 68 11.10 -3.43 16.29
C GLY D 68 12.06 -2.83 15.26
N TRP D 69 12.90 -1.89 15.68
CA TRP D 69 14.11 -1.60 14.94
C TRP D 69 14.95 -2.85 15.22
N GLY D 70 16.12 -3.01 14.60
CA GLY D 70 16.75 -4.35 14.58
C GLY D 70 17.18 -5.05 15.87
N THR D 71 18.41 -5.54 15.86
CA THR D 71 19.05 -6.13 17.06
C THR D 71 20.49 -5.66 17.10
N VAL D 72 21.15 -5.84 18.24
CA VAL D 72 22.52 -5.33 18.41
C VAL D 72 23.42 -6.30 19.16
N THR D 73 24.69 -6.36 18.76
CA THR D 73 25.70 -6.99 19.61
C THR D 73 26.72 -5.94 20.03
N LEU D 74 26.86 -5.75 21.35
CA LEU D 74 27.97 -4.98 21.89
C LEU D 74 29.11 -5.94 22.16
N GLU D 75 30.32 -5.53 21.80
CA GLU D 75 31.50 -6.30 22.17
C GLU D 75 32.71 -5.39 22.45
N LEU D 76 33.27 -5.60 23.63
CA LEU D 76 34.36 -4.80 24.19
C LEU D 76 35.67 -5.11 23.49
N LEU D 77 36.47 -4.07 23.25
CA LEU D 77 37.75 -4.24 22.58
C LEU D 77 38.92 -3.92 23.52
N SER D 78 39.70 -4.96 23.81
CA SER D 78 40.77 -4.93 24.81
C SER D 78 41.94 -4.01 24.46
N GLU D 79 41.89 -3.40 23.27
CA GLU D 79 42.93 -2.45 22.88
C GLU D 79 42.79 -1.12 23.59
N ASP D 80 41.55 -0.64 23.71
CA ASP D 80 41.30 0.71 24.25
C ASP D 80 40.23 0.72 25.34
N GLN D 81 39.67 -0.45 25.65
CA GLN D 81 38.37 -0.50 26.32
C GLN D 81 37.40 0.20 25.37
N SER D 82 37.70 0.09 24.07
CA SER D 82 36.87 0.63 23.00
C SER D 82 35.67 -0.30 22.78
N LEU D 83 34.66 0.16 22.06
CA LEU D 83 33.43 -0.60 21.95
C LEU D 83 32.85 -0.67 20.55
N ARG D 84 32.95 -1.85 19.93
CA ARG D 84 32.34 -2.11 18.63
C ARG D 84 30.86 -2.39 18.82
N ILE D 85 30.03 -1.71 18.02
CA ILE D 85 28.59 -1.90 18.04
C ILE D 85 28.13 -2.38 16.66
N VAL D 86 27.52 -3.57 16.62
CA VAL D 86 26.98 -4.10 15.38
C VAL D 86 25.45 -4.19 15.45
N HIS D 87 24.80 -3.36 14.64
CA HIS D 87 23.35 -3.30 14.60
C HIS D 87 22.86 -3.91 13.30
N GLU D 88 22.02 -4.93 13.43
CA GLU D 88 21.40 -5.60 12.30
C GLU D 88 19.97 -5.12 12.12
N ASN D 89 19.52 -5.11 10.87
CA ASN D 89 18.15 -4.76 10.48
C ASN D 89 17.66 -3.38 10.87
N LEU D 90 18.51 -2.37 10.69
CA LEU D 90 18.06 -0.98 10.75
C LEU D 90 16.88 -0.86 9.81
N PRO D 91 15.75 -0.32 10.30
CA PRO D 91 14.63 -0.12 9.37
C PRO D 91 15.05 0.63 8.09
N GLN D 92 14.53 0.18 6.96
CA GLN D 92 14.80 0.77 5.66
C GLN D 92 13.59 1.56 5.22
N VAL D 93 13.83 2.79 4.75
CA VAL D 93 12.75 3.67 4.31
C VAL D 93 13.01 4.20 2.89
N GLY D 94 13.02 3.31 1.91
CA GLY D 94 13.32 3.69 0.55
C GLY D 94 14.81 3.80 0.31
N SER D 95 15.18 4.45 -0.79
CA SER D 95 16.55 4.43 -1.31
C SER D 95 17.46 5.58 -0.85
N ALA D 96 17.01 6.38 0.12
CA ALA D 96 17.82 7.50 0.59
C ALA D 96 18.94 7.05 1.53
N GLY D 97 20.02 7.83 1.58
CA GLY D 97 21.11 7.58 2.51
C GLY D 97 22.29 6.95 1.82
N GLU D 98 23.38 6.77 2.56
CA GLU D 98 24.63 6.32 1.99
C GLU D 98 25.25 5.24 2.88
N PRO D 99 25.15 3.96 2.46
CA PRO D 99 24.66 3.46 1.17
C PRO D 99 23.14 3.58 1.04
N SER D 100 22.64 3.43 -0.18
CA SER D 100 21.20 3.53 -0.44
C SER D 100 20.40 2.67 0.51
N GLY D 101 19.43 3.30 1.18
CA GLY D 101 18.56 2.60 2.11
C GLY D 101 18.95 2.68 3.57
N THR D 102 20.02 3.41 3.89
CA THR D 102 20.45 3.54 5.29
C THR D 102 20.24 4.96 5.88
N TRP D 103 19.23 5.66 5.37
CA TRP D 103 18.90 7.04 5.76
C TRP D 103 18.79 7.18 7.27
N LEU D 104 18.25 6.16 7.94
CA LEU D 104 18.02 6.24 9.37
C LEU D 104 19.24 5.93 10.22
N ALA D 105 20.38 5.67 9.58
CA ALA D 105 21.60 5.28 10.30
C ALA D 105 22.06 6.28 11.37
N PRO D 106 22.12 7.59 11.05
CA PRO D 106 22.49 8.54 12.11
C PRO D 106 21.59 8.51 13.36
N VAL D 107 20.33 8.08 13.22
CA VAL D 107 19.48 7.95 14.40
C VAL D 107 20.15 7.03 15.42
N LEU D 108 20.85 6.02 14.92
CA LEU D 108 21.51 5.03 15.78
C LEU D 108 22.71 5.62 16.52
N GLU D 109 23.57 6.33 15.79
CA GLU D 109 24.68 7.07 16.39
C GLU D 109 24.18 7.92 17.55
N GLY D 110 23.06 8.59 17.33
CA GLY D 110 22.43 9.41 18.36
C GLY D 110 21.89 8.55 19.47
N LEU D 111 21.13 7.52 19.10
CA LEU D 111 20.47 6.65 20.07
C LEU D 111 21.46 5.92 20.97
N TYR D 112 22.46 5.28 20.37
CA TYR D 112 23.50 4.58 21.13
C TYR D 112 24.37 5.58 21.88
N GLY D 113 24.58 6.76 21.28
CA GLY D 113 25.22 7.87 21.96
C GLY D 113 24.58 8.10 23.32
N ARG D 114 23.26 8.15 23.35
CA ARG D 114 22.52 8.38 24.60
C ARG D 114 22.63 7.18 25.51
N TRP D 115 22.14 6.03 25.03
CA TRP D 115 22.08 4.82 25.84
C TRP D 115 23.36 4.46 26.59
N VAL D 116 24.49 4.34 25.89
CA VAL D 116 25.70 3.87 26.58
C VAL D 116 26.21 4.90 27.60
N THR D 117 26.05 6.18 27.27
CA THR D 117 26.39 7.28 28.19
C THR D 117 25.48 7.26 29.41
N SER D 118 24.24 6.81 29.24
CA SER D 118 23.31 6.67 30.38
C SER D 118 23.99 5.92 31.51
N GLN D 119 24.94 5.06 31.16
CA GLN D 119 25.78 4.38 32.13
C GLN D 119 26.90 5.35 32.50
N ALA D 120 26.56 6.34 33.32
CA ALA D 120 27.46 7.47 33.66
C ALA D 120 28.70 7.07 34.47
N GLY D 121 29.36 6.00 34.03
CA GLY D 121 30.52 5.44 34.71
C GLY D 121 31.76 5.45 33.82
N ALA D 122 32.17 4.27 33.38
CA ALA D 122 33.35 4.11 32.50
C ALA D 122 33.12 4.77 31.14
N PHE D 123 32.14 4.27 30.38
CA PHE D 123 31.58 5.05 29.27
C PHE D 123 30.75 6.14 29.93
N GLY D 124 30.39 7.16 29.16
CA GLY D 124 29.72 8.31 29.75
C GLY D 124 30.51 9.55 29.35
N ASP D 125 31.83 9.37 29.30
CA ASP D 125 32.66 10.21 28.48
C ASP D 125 33.15 9.33 27.33
N TYR D 126 32.27 9.23 26.31
CA TYR D 126 32.51 8.43 25.12
C TYR D 126 31.89 9.11 23.89
N VAL D 127 32.26 8.66 22.70
CA VAL D 127 31.65 9.17 21.46
C VAL D 127 31.36 8.00 20.50
N VAL D 128 30.42 8.20 19.59
CA VAL D 128 30.10 7.22 18.57
C VAL D 128 30.46 7.70 17.16
N THR D 129 31.04 6.80 16.37
CA THR D 129 31.32 7.05 14.95
C THR D 129 30.80 5.85 14.16
N ARG D 130 30.11 6.13 13.04
CA ARG D 130 29.17 5.15 12.44
C ARG D 130 29.61 4.23 11.33
N ASP D 131 30.70 4.56 10.64
CA ASP D 131 31.10 3.71 9.52
C ASP D 131 32.02 2.66 10.09
N VAL D 132 32.47 1.70 9.28
CA VAL D 132 33.62 0.95 9.71
C VAL D 132 34.71 1.99 9.96
N ASP D 133 35.41 1.85 11.09
CA ASP D 133 36.53 2.74 11.39
C ASP D 133 37.86 2.25 10.81
N ALA D 134 37.81 1.07 10.19
CA ALA D 134 38.75 0.79 9.12
C ALA D 134 38.32 1.72 7.97
N GLU D 135 37.16 2.35 8.13
CA GLU D 135 36.62 3.33 7.18
C GLU D 135 36.08 2.61 5.93
N ASP D 136 36.03 1.29 6.01
CA ASP D 136 35.40 0.43 4.99
C ASP D 136 34.72 -0.78 5.64
N LEU D 137 33.40 -0.87 5.43
CA LEU D 137 32.59 -1.99 5.86
C LEU D 137 32.78 -3.18 4.93
N ASN D 138 33.33 -4.27 5.46
CA ASN D 138 33.70 -5.42 4.62
C ASN D 138 32.72 -6.58 4.66
N ALA D 139 32.10 -6.87 3.50
CA ALA D 139 31.09 -7.94 3.36
C ALA D 139 29.96 -7.84 4.38
N VAL D 140 29.42 -6.63 4.52
CA VAL D 140 28.43 -6.33 5.54
C VAL D 140 27.08 -6.03 4.88
N PRO D 141 26.02 -6.78 5.28
CA PRO D 141 24.74 -6.59 4.60
C PRO D 141 24.29 -5.14 4.71
N ARG D 142 23.63 -4.63 3.68
CA ARG D 142 22.89 -3.39 3.81
C ARG D 142 22.05 -3.59 5.04
N GLN D 143 21.73 -2.51 5.74
CA GLN D 143 20.88 -2.62 6.93
C GLN D 143 21.62 -3.31 8.05
N THR D 144 22.94 -3.41 7.92
CA THR D 144 23.76 -3.72 9.07
C THR D 144 24.66 -2.51 9.23
N ILE D 145 24.52 -1.86 10.38
CA ILE D 145 25.23 -0.64 10.67
C ILE D 145 26.21 -0.92 11.79
N ILE D 146 27.47 -0.58 11.55
CA ILE D 146 28.59 -0.85 12.45
C ILE D 146 29.14 0.46 13.01
N MET D 147 29.16 0.60 14.34
CA MET D 147 29.65 1.83 14.99
C MET D 147 30.69 1.56 16.08
N TYR D 148 31.46 2.58 16.43
CA TYR D 148 32.41 2.49 17.54
C TYR D 148 32.15 3.52 18.61
N MET D 149 32.38 3.12 19.87
CA MET D 149 32.25 3.99 21.01
C MET D 149 33.63 4.12 21.65
N ARG D 150 34.17 5.35 21.73
CA ARG D 150 35.49 5.57 22.36
C ARG D 150 35.70 6.90 23.11
N VAL D 151 36.98 7.27 23.31
CA VAL D 151 37.41 8.39 24.18
C VAL D 151 37.20 8.06 25.66
C2 BGC E . -2.22 -20.47 -2.85
C3 BGC E . -3.65 -20.45 -2.29
C4 BGC E . -3.85 -19.53 -1.09
C5 BGC E . -3.21 -18.17 -1.41
C6 BGC E . -3.28 -17.09 -0.32
C1 BGC E . -1.61 -19.07 -2.92
O1 BGC E . -0.20 -19.17 -3.15
O2 BGC E . -2.23 -21.02 -4.17
O3 BGC E . -4.01 -21.78 -1.91
O4 BGC E . -5.26 -19.51 -0.79
O5 BGC E . -1.83 -18.38 -1.69
O6 BGC E . -2.06 -17.10 0.45
C2 BGC E . -7.13 -18.91 0.69
C3 BGC E . -7.51 -17.99 1.85
C4 BGC E . -6.50 -18.04 3.01
C5 BGC E . -5.06 -17.96 2.50
C6 BGC E . -4.03 -18.14 3.61
C1 BGC E . -5.66 -18.71 0.34
O2 BGC E . -7.95 -18.61 -0.45
O3 BGC E . -8.83 -18.28 2.32
O4 BGC E . -6.71 -16.95 3.92
O5 BGC E . -4.87 -18.98 1.51
O6 BGC E . -2.96 -17.19 3.42
C2 BGC E . -6.95 -17.88 6.18
C3 BGC E . -7.94 -18.06 7.32
C4 BGC E . -8.89 -16.86 7.52
C5 BGC E . -9.38 -16.23 6.21
C6 BGC E . -10.15 -14.93 6.43
C1 BGC E . -7.63 -17.24 4.96
O2 BGC E . -6.41 -19.17 5.84
O3 BGC E . -7.26 -18.36 8.55
O4 BGC E . -10.01 -17.21 8.35
O5 BGC E . -8.27 -16.02 5.33
O6 BGC E . -9.28 -13.86 6.80
C2 BGC E . -10.30 -19.60 7.42
C3 BGC E . -11.30 -20.75 7.50
C4 BGC E . -11.88 -20.99 8.90
C5 BGC E . -12.13 -19.71 9.71
C6 BGC E . -12.18 -20.01 11.20
C1 BGC E . -10.83 -18.39 8.20
O2 BGC E . -10.09 -19.35 6.04
O3 BGC E . -10.64 -21.95 7.06
O4 BGC E . -13.02 -21.86 8.78
O5 BGC E . -11.06 -18.79 9.54
O6 BGC E . -12.55 -18.79 11.90
C2 BGC E . -15.32 -22.24 8.28
C3 BGC E . -16.74 -21.71 8.50
C4 BGC E . -17.01 -20.93 9.80
C5 BGC E . -15.80 -20.15 10.32
C6 BGC E . -16.02 -19.78 11.79
C1 BGC E . -14.30 -21.25 8.80
O2 BGC E . -15.12 -22.51 6.89
O3 BGC E . -17.58 -22.87 8.50
O4 BGC E . -18.09 -19.99 9.61
O5 BGC E . -14.64 -20.96 10.16
O6 BGC E . -15.07 -20.47 12.65
C2 BGC F . 10.45 -1.48 2.86
C2 BGC F . -10.84 -0.98 0.06
C3 BGC F . 9.04 -0.95 2.55
C3 BGC F . -9.35 -1.01 -0.29
C4 BGC F . 7.95 -1.48 3.48
C4 BGC F . -8.52 -1.95 0.60
C5 BGC F . 8.42 -1.34 4.94
C5 BGC F . -9.24 -3.31 0.67
C6 BGC F . 7.48 -1.89 6.00
C6 BGC F . -8.59 -4.36 1.57
C1 BGC F . 10.74 -1.51 4.37
C1 BGC F . -11.42 -2.36 0.34
O1 BGC F . 11.90 -2.31 4.62
O1 BGC F . -12.69 -2.22 1.00
O2 BGC F . 11.41 -0.63 2.23
O2 BGC F . -11.57 -0.39 -1.03
O3 BGC F . 8.69 -1.33 1.22
O3 BGC F . -8.81 0.29 -0.14
O4 BGC F . 6.75 -0.75 3.15
O4 BGC F . -7.20 -1.97 0.05
O5 BGC F . 9.64 -2.07 5.08
O5 BGC F . -10.55 -3.11 1.20
O6 BGC F . 7.59 -3.32 6.08
O6 BGC F . -8.90 -4.09 2.96
C2 BGC F . 4.32 -0.40 3.32
C2 BGC F . -4.83 -2.63 0.17
C3 BGC F . 3.11 -0.76 4.18
C3 BGC F . -3.86 -3.53 0.91
C4 BGC F . 3.01 -2.26 4.48
C4 BGC F . -4.03 -3.45 2.44
C5 BGC F . 4.36 -2.83 4.90
C5 BGC F . -5.50 -3.52 2.84
C6 BGC F . 4.31 -4.34 5.09
C6 BGC F . -5.70 -3.35 4.34
C1 BGC F . 5.57 -1.09 3.89
C1 BGC F . -6.24 -2.78 0.74
O2 BGC F . 4.51 1.02 3.31
O2 BGC F . -4.82 -2.97 -1.23
O3 BGC F . 1.91 -0.30 3.53
O3 BGC F . -2.51 -3.22 0.54
O4 BGC F . 2.08 -2.52 5.53
O4 BGC F . -3.35 -4.53 3.09
O5 BGC F . 5.34 -2.50 3.91
O5 BGC F . -6.20 -2.49 2.14
O6 BGC F . 5.03 -4.69 6.28
O6 BGC F . -6.65 -4.32 4.80
C2 BGC F . 0.46 -4.16 4.69
C2 BGC F . -1.86 -3.60 4.80
C3 BGC F . -1.01 -4.34 4.34
C3 BGC F . -0.39 -3.44 5.17
C4 BGC F . -1.98 -3.58 5.28
C4 BGC F . 0.48 -4.65 4.79
C5 BGC F . -1.49 -2.20 5.71
C5 BGC F . 0.14 -5.29 3.44
C6 BGC F . -2.33 -1.61 6.84
C6 BGC F . 0.84 -6.63 3.23
C1 BGC F . 0.74 -2.69 5.08
C1 BGC F . -1.99 -4.25 3.41
O2 BGC F . 1.24 -4.55 3.55
O2 BGC F . -2.47 -2.31 4.82
O3 BGC F . -1.36 -5.74 4.30
O3 BGC F . -0.26 -3.18 6.59
O4 BGC F . -3.29 -3.46 4.71
O4 BGC F . 1.88 -4.32 4.82
O5 BGC F . -0.12 -2.28 6.13
O5 BGC F . -1.27 -5.48 3.35
O6 BGC F . -1.91 -2.14 8.10
O6 BGC F . 0.14 -7.67 3.94
C2 BGC F . -2.50 -3.24 2.25
C2 BGC F . 1.60 -1.88 3.97
C3 BGC F . -3.09 -3.01 0.86
C3 BGC F . 2.47 -0.72 3.51
C4 BGC F . -4.49 -3.57 0.62
C4 BGC F . 3.79 -0.56 4.28
C5 BGC F . -5.36 -3.63 1.89
C5 BGC F . 4.40 -1.88 4.78
C6 BGC F . -6.42 -4.73 1.86
C6 BGC F . 5.26 -1.73 6.03
C1 BGC F . -3.57 -3.09 3.35
C1 BGC F . 2.45 -3.13 4.25
O2 BGC F . -1.43 -2.29 2.41
O2 BGC F . 0.64 -2.08 2.93
O3 BGC F . -2.19 -3.53 -0.14
O3 BGC F . 1.71 0.50 3.59
O4 BGC F . -5.08 -2.88 -0.50
O4 BGC F . 4.67 0.27 3.48
O5 BGC F . -4.59 -4.01 3.01
O5 BGC F . 3.38 -2.74 5.25
O6 BGC F . -7.48 -4.35 2.73
O6 BGC F . 6.24 -2.80 6.02
C2 BGC F . -6.61 -1.26 -1.48
C2 BGC F . 6.60 0.72 2.10
C3 BGC F . -7.93 -0.54 -1.25
C3 BGC F . 7.95 0.16 1.68
C4 BGC F . -9.07 -1.40 -0.70
C4 BGC F . 8.83 -0.34 2.83
C5 BGC F . -8.63 -2.49 0.28
C5 BGC F . 8.07 -1.00 3.97
C6 BGC F . -9.72 -3.56 0.40
C6 BGC F . 8.93 -0.96 5.24
C1 BGC F . -6.30 -2.15 -0.28
C1 BGC F . 5.94 -0.26 3.06
O2 BGC F . -5.58 -0.30 -1.71
O2 BGC F . 5.80 0.93 0.93
O3 BGC F . -8.36 -0.05 -2.53
O3 BGC F . 8.65 1.21 1.01
O4 BGC F . -10.03 -0.55 -0.04
O4 BGC F . 9.78 -1.28 2.30
O5 BGC F . -7.40 -3.07 -0.17
O5 BGC F . 6.81 -0.35 4.19
O6 BGC F . -9.19 -4.88 0.47
O6 BGC F . 8.19 -0.64 6.42
C2 BGC G . 12.79 -9.32 24.85
C3 BGC G . 11.95 -8.04 24.99
C4 BGC G . 10.61 -8.07 24.25
C5 BGC G . 9.91 -9.40 24.57
C6 BGC G . 8.54 -9.62 23.94
C1 BGC G . 11.95 -10.59 24.93
O1 BGC G . 12.70 -11.70 24.45
O2 BGC G . 13.76 -9.36 25.91
O3 BGC G . 12.69 -6.94 24.47
O4 BGC G . 9.91 -6.86 24.60
O5 BGC G . 10.76 -10.46 24.14
O6 BGC G . 8.70 -10.15 22.56
C2 BGC G . 8.07 -5.27 24.25
C3 BGC G . 6.66 -5.19 23.67
C4 BGC G . 6.58 -5.71 22.22
C5 BGC G . 7.30 -7.05 22.09
C6 BGC G . 7.36 -7.53 20.64
C1 BGC G . 8.62 -6.69 24.02
O2 BGC G . 8.04 -4.99 25.66
O3 BGC G . 6.16 -3.84 23.77
O4 BGC G . 5.22 -5.90 21.81
O5 BGC G . 8.62 -6.93 22.60
O6 BGC G . 7.03 -8.92 20.60
C2 BGC G . 4.88 -4.64 19.73
C3 BGC G . 4.13 -3.46 19.13
C4 BGC G . 2.69 -3.30 19.68
C5 BGC G . 2.56 -3.57 21.18
C6 BGC G . 1.10 -3.62 21.65
C1 BGC G . 4.62 -4.73 21.24
O2 BGC G . 6.27 -4.47 19.46
O3 BGC G . 4.09 -3.56 17.69
O4 BGC G . 2.16 -2.01 19.35
O5 BGC G . 3.22 -4.79 21.50
O6 BGC G . 0.47 -4.84 21.23
C2 BGC G . 4.39 -0.71 19.70
C3 BGC G . 4.86 0.74 19.80
C4 BGC G . 4.18 1.70 18.82
C5 BGC G . 2.70 1.40 18.55
C6 BGC G . 2.26 2.00 17.21
C1 BGC G . 2.85 -0.76 19.57
O2 BGC G . 4.87 -1.35 20.89
O3 BGC G . 6.28 0.76 19.55
O4 BGC G . 4.45 3.06 19.22
O5 BGC G . 2.51 -0.01 18.41
O6 BGC G . 2.09 0.99 16.20
C2 BGC G . 3.87 5.17 20.25
C3 BGC G . 2.71 6.08 20.64
C4 BGC G . 1.44 6.01 19.79
C5 BGC G . 1.17 4.63 19.23
C6 BGC G . 0.10 4.70 18.13
C1 BGC G . 3.36 3.82 19.78
O2 BGC G . 4.77 5.02 21.37
O3 BGC G . 3.17 7.43 20.58
O4 BGC G . 0.30 6.44 20.55
O5 BGC G . 2.40 4.07 18.75
O6 BGC G . 0.70 4.47 16.78
#